data_1L3Z
# 
_entry.id   1L3Z 
# 
_audit_conform.dict_name       mmcif_pdbx.dic 
_audit_conform.dict_version    5.386 
_audit_conform.dict_location   http://mmcif.pdb.org/dictionaries/ascii/mmcif_pdbx.dic 
# 
loop_
_database_2.database_id 
_database_2.database_code 
_database_2.pdbx_database_accession 
_database_2.pdbx_DOI 
PDB   1L3Z         pdb_00001l3z 10.2210/pdb1l3z/pdb 
NDB   AR0040       ?            ?                   
RCSB  RCSB015625   ?            ?                   
WWPDB D_1000015625 ?            ?                   
# 
loop_
_pdbx_audit_revision_history.ordinal 
_pdbx_audit_revision_history.data_content_type 
_pdbx_audit_revision_history.major_revision 
_pdbx_audit_revision_history.minor_revision 
_pdbx_audit_revision_history.revision_date 
1 'Structure model' 1 0 2003-02-25 
2 'Structure model' 1 1 2008-04-28 
3 'Structure model' 1 2 2011-07-13 
4 'Structure model' 1 3 2017-10-11 
5 'Structure model' 1 4 2018-03-07 
6 'Structure model' 1 5 2024-02-14 
# 
_pdbx_audit_revision_details.ordinal             1 
_pdbx_audit_revision_details.revision_ordinal    1 
_pdbx_audit_revision_details.data_content_type   'Structure model' 
_pdbx_audit_revision_details.provider            repository 
_pdbx_audit_revision_details.type                'Initial release' 
_pdbx_audit_revision_details.description         ? 
_pdbx_audit_revision_details.details             ? 
# 
loop_
_pdbx_audit_revision_group.ordinal 
_pdbx_audit_revision_group.revision_ordinal 
_pdbx_audit_revision_group.data_content_type 
_pdbx_audit_revision_group.group 
1 2 'Structure model' 'Version format compliance' 
2 3 'Structure model' 'Version format compliance' 
3 4 'Structure model' 'Refinement description'    
4 5 'Structure model' 'Data collection'           
5 6 'Structure model' 'Data collection'           
6 6 'Structure model' 'Database references'       
7 6 'Structure model' 'Derived calculations'      
# 
loop_
_pdbx_audit_revision_category.ordinal 
_pdbx_audit_revision_category.revision_ordinal 
_pdbx_audit_revision_category.data_content_type 
_pdbx_audit_revision_category.category 
1 4 'Structure model' software       
2 5 'Structure model' diffrn_source  
3 6 'Structure model' chem_comp_atom 
4 6 'Structure model' chem_comp_bond 
5 6 'Structure model' database_2     
6 6 'Structure model' struct_conn    
7 6 'Structure model' struct_site    
# 
loop_
_pdbx_audit_revision_item.ordinal 
_pdbx_audit_revision_item.revision_ordinal 
_pdbx_audit_revision_item.data_content_type 
_pdbx_audit_revision_item.item 
1  5 'Structure model' '_diffrn_source.source'               
2  6 'Structure model' '_database_2.pdbx_DOI'                
3  6 'Structure model' '_database_2.pdbx_database_accession' 
4  6 'Structure model' '_struct_conn.ptnr1_auth_comp_id'     
5  6 'Structure model' '_struct_conn.ptnr1_auth_seq_id'      
6  6 'Structure model' '_struct_conn.ptnr1_label_asym_id'    
7  6 'Structure model' '_struct_conn.ptnr1_label_atom_id'    
8  6 'Structure model' '_struct_conn.ptnr1_label_comp_id'    
9  6 'Structure model' '_struct_conn.ptnr1_symmetry'         
10 6 'Structure model' '_struct_conn.ptnr2_auth_comp_id'     
11 6 'Structure model' '_struct_conn.ptnr2_auth_seq_id'      
12 6 'Structure model' '_struct_conn.ptnr2_label_asym_id'    
13 6 'Structure model' '_struct_conn.ptnr2_label_atom_id'    
14 6 'Structure model' '_struct_conn.ptnr2_label_comp_id'    
15 6 'Structure model' '_struct_conn.ptnr2_symmetry'         
16 6 'Structure model' '_struct_site.pdbx_auth_asym_id'      
17 6 'Structure model' '_struct_site.pdbx_auth_comp_id'      
18 6 'Structure model' '_struct_site.pdbx_auth_seq_id'       
# 
_pdbx_database_status.status_code                     REL 
_pdbx_database_status.entry_id                        1L3Z 
_pdbx_database_status.recvd_initial_deposition_date   2002-03-04 
_pdbx_database_status.deposit_site                    RCSB 
_pdbx_database_status.process_site                    RCSB 
_pdbx_database_status.status_code_sf                  REL 
_pdbx_database_status.SG_entry                        . 
_pdbx_database_status.pdb_format_compatible           Y 
_pdbx_database_status.status_code_mr                  ? 
_pdbx_database_status.status_code_cs                  ? 
_pdbx_database_status.methods_development_category    ? 
_pdbx_database_status.status_code_nmr_data            ? 
# 
loop_
_audit_author.name 
_audit_author.pdbx_ordinal 
'Shi, K.'           1 
'Pan, B.'           2 
'Sundaralingam, M.' 3 
# 
_citation.id                        primary 
_citation.title                     
;The crystal structure of an alternating RNA heptamer r(GUAUACA) 
forming a six base-paired duplex with 3'-end adenine overhangs
;
_citation.journal_abbrev            'Nucleic Acids Res.' 
_citation.journal_volume            31 
_citation.page_first                1392 
_citation.page_last                 1397 
_citation.year                      2003 
_citation.journal_id_ASTM           NARHAD 
_citation.country                   UK 
_citation.journal_id_ISSN           0305-1048 
_citation.journal_id_CSD            0389 
_citation.book_publisher            ? 
_citation.pdbx_database_id_PubMed   12595546 
_citation.pdbx_database_id_DOI      10.1093/nar/gkg226 
# 
loop_
_citation_author.citation_id 
_citation_author.name 
_citation_author.ordinal 
_citation_author.identifier_ORCID 
primary 'Shi, K.'           1 ? 
primary 'Pan, B.'           2 ? 
primary 'Sundaralingam, M.' 3 ? 
# 
loop_
_entity.id 
_entity.type 
_entity.src_method 
_entity.pdbx_description 
_entity.formula_weight 
_entity.pdbx_number_of_molecules 
_entity.pdbx_ec 
_entity.pdbx_mutation 
_entity.pdbx_fragment 
_entity.details 
1 polymer     syn "5'-R(*GP*UP*AP*UP*AP*CP*A)-3'" 2205.379 2  ? ? ? ? 
2 non-polymer syn 'SODIUM ION'                    22.990   1  ? ? ? ? 
3 water       nat water                           18.015   39 ? ? ? ? 
# 
_entity_poly.entity_id                      1 
_entity_poly.type                           polyribonucleotide 
_entity_poly.nstd_linkage                   no 
_entity_poly.nstd_monomer                   no 
_entity_poly.pdbx_seq_one_letter_code       GUAUACA 
_entity_poly.pdbx_seq_one_letter_code_can   GUAUACA 
_entity_poly.pdbx_strand_id                 A,B 
_entity_poly.pdbx_target_identifier         ? 
# 
loop_
_pdbx_entity_nonpoly.entity_id 
_pdbx_entity_nonpoly.name 
_pdbx_entity_nonpoly.comp_id 
2 'SODIUM ION' NA  
3 water        HOH 
# 
loop_
_entity_poly_seq.entity_id 
_entity_poly_seq.num 
_entity_poly_seq.mon_id 
_entity_poly_seq.hetero 
1 1 G n 
1 2 U n 
1 3 A n 
1 4 U n 
1 5 A n 
1 6 C n 
1 7 A n 
# 
loop_
_chem_comp.id 
_chem_comp.type 
_chem_comp.mon_nstd_flag 
_chem_comp.name 
_chem_comp.pdbx_synonyms 
_chem_comp.formula 
_chem_comp.formula_weight 
A   'RNA linking' y "ADENOSINE-5'-MONOPHOSPHATE" ? 'C10 H14 N5 O7 P' 347.221 
C   'RNA linking' y "CYTIDINE-5'-MONOPHOSPHATE"  ? 'C9 H14 N3 O8 P'  323.197 
G   'RNA linking' y "GUANOSINE-5'-MONOPHOSPHATE" ? 'C10 H14 N5 O8 P' 363.221 
HOH non-polymer   . WATER                        ? 'H2 O'            18.015  
NA  non-polymer   . 'SODIUM ION'                 ? 'Na 1'            22.990  
U   'RNA linking' y "URIDINE-5'-MONOPHOSPHATE"   ? 'C9 H13 N2 O9 P'  324.181 
# 
loop_
_pdbx_poly_seq_scheme.asym_id 
_pdbx_poly_seq_scheme.entity_id 
_pdbx_poly_seq_scheme.seq_id 
_pdbx_poly_seq_scheme.mon_id 
_pdbx_poly_seq_scheme.ndb_seq_num 
_pdbx_poly_seq_scheme.pdb_seq_num 
_pdbx_poly_seq_scheme.auth_seq_num 
_pdbx_poly_seq_scheme.pdb_mon_id 
_pdbx_poly_seq_scheme.auth_mon_id 
_pdbx_poly_seq_scheme.pdb_strand_id 
_pdbx_poly_seq_scheme.pdb_ins_code 
_pdbx_poly_seq_scheme.hetero 
A 1 1 G 1 1  1  G GUA A . n 
A 1 2 U 2 2  2  U URI A . n 
A 1 3 A 3 3  3  A ADE A . n 
A 1 4 U 4 4  4  U URI A . n 
A 1 5 A 5 5  5  A ADE A . n 
A 1 6 C 6 6  6  C CYT A . n 
A 1 7 A 7 7  7  A ADE A . n 
B 1 1 G 1 8  8  G GUA B . n 
B 1 2 U 2 9  9  U URI B . n 
B 1 3 A 3 10 10 A ADE B . n 
B 1 4 U 4 11 11 U URI B . n 
B 1 5 A 5 12 12 A ADE B . n 
B 1 6 C 6 13 13 C CYT B . n 
B 1 7 A 7 14 14 A ADE B . n 
# 
loop_
_pdbx_nonpoly_scheme.asym_id 
_pdbx_nonpoly_scheme.entity_id 
_pdbx_nonpoly_scheme.mon_id 
_pdbx_nonpoly_scheme.ndb_seq_num 
_pdbx_nonpoly_scheme.pdb_seq_num 
_pdbx_nonpoly_scheme.auth_seq_num 
_pdbx_nonpoly_scheme.pdb_mon_id 
_pdbx_nonpoly_scheme.auth_mon_id 
_pdbx_nonpoly_scheme.pdb_strand_id 
_pdbx_nonpoly_scheme.pdb_ins_code 
C 2 NA  1  301 301 NA  NA  A . 
D 3 HOH 1  101 101 HOH WAT A . 
D 3 HOH 2  102 102 HOH WAT A . 
D 3 HOH 3  104 104 HOH WAT A . 
D 3 HOH 4  105 105 HOH WAT A . 
D 3 HOH 5  106 106 HOH WAT A . 
D 3 HOH 6  107 107 HOH WAT A . 
D 3 HOH 7  108 108 HOH WAT A . 
D 3 HOH 8  119 119 HOH WAT A . 
D 3 HOH 9  120 120 HOH WAT A . 
D 3 HOH 10 121 121 HOH WAT A . 
D 3 HOH 11 122 122 HOH WAT A . 
D 3 HOH 12 123 123 HOH WAT A . 
D 3 HOH 13 125 125 HOH WAT A . 
D 3 HOH 14 126 126 HOH WAT A . 
D 3 HOH 15 127 127 HOH WAT A . 
D 3 HOH 16 128 128 HOH WAT A . 
D 3 HOH 17 129 129 HOH WAT A . 
D 3 HOH 18 132 132 HOH WAT A . 
D 3 HOH 19 136 136 HOH WAT A . 
D 3 HOH 20 137 137 HOH WAT A . 
D 3 HOH 21 138 138 HOH WAT A . 
D 3 HOH 22 202 202 HOH WAT A . 
E 3 HOH 1  103 103 HOH WAT B . 
E 3 HOH 2  109 109 HOH WAT B . 
E 3 HOH 3  110 110 HOH WAT B . 
E 3 HOH 4  111 111 HOH WAT B . 
E 3 HOH 5  112 112 HOH WAT B . 
E 3 HOH 6  113 113 HOH WAT B . 
E 3 HOH 7  114 114 HOH WAT B . 
E 3 HOH 8  115 115 HOH WAT B . 
E 3 HOH 9  116 116 HOH WAT B . 
E 3 HOH 10 117 117 HOH WAT B . 
E 3 HOH 11 118 118 HOH WAT B . 
E 3 HOH 12 124 124 HOH WAT B . 
E 3 HOH 13 130 130 HOH WAT B . 
E 3 HOH 14 133 133 HOH WAT B . 
E 3 HOH 15 134 134 HOH WAT B . 
E 3 HOH 16 135 135 HOH WAT B . 
E 3 HOH 17 201 201 HOH WAT B . 
# 
loop_
_software.name 
_software.classification 
_software.version 
_software.citation_id 
_software.pdbx_ordinal 
SCALEPACK 'data scaling' . ? 1 
AMoRE     phasing        . ? 2 
CNS       refinement     . ? 3 
# 
_cell.entry_id           1L3Z 
_cell.length_a           25.740 
_cell.length_b           106.580 
_cell.length_c           30.260 
_cell.angle_alpha        90.00 
_cell.angle_beta         90.00 
_cell.angle_gamma        90.00 
_cell.Z_PDB              16 
_cell.pdbx_unique_axis   ? 
# 
_symmetry.entry_id                         1L3Z 
_symmetry.space_group_name_H-M             'C 2 2 2' 
_symmetry.pdbx_full_space_group_name_H-M   ? 
_symmetry.cell_setting                     ? 
_symmetry.Int_Tables_number                21 
# 
_exptl.entry_id          1L3Z 
_exptl.method            'X-RAY DIFFRACTION' 
_exptl.crystals_number   1 
# 
_exptl_crystal.id                    1 
_exptl_crystal.density_meas          ? 
_exptl_crystal.density_Matthews      2.35 
_exptl_crystal.density_percent_sol   47.72 
_exptl_crystal.description           ? 
# 
_exptl_crystal_grow.crystal_id      1 
_exptl_crystal_grow.method          ? 
_exptl_crystal_grow.temp            ? 
_exptl_crystal_grow.temp_details    ? 
_exptl_crystal_grow.pH              7.0 
_exptl_crystal_grow.pdbx_details    'MPD, CaCl2, Cacodylate buffer, pH7.0' 
_exptl_crystal_grow.pdbx_pH_range   . 
# 
loop_
_exptl_crystal_grow_comp.crystal_id 
_exptl_crystal_grow_comp.id 
_exptl_crystal_grow_comp.sol_id 
_exptl_crystal_grow_comp.name 
_exptl_crystal_grow_comp.conc 
_exptl_crystal_grow_comp.volume 
_exptl_crystal_grow_comp.details 
1 1 1 MPD                 ? ? ? 
1 2 1 CaCl2               ? ? ? 
1 3 1 'Cacodylate buffer' ? ? ? 
# 
_diffrn.id                     1 
_diffrn.ambient_temp           293 
_diffrn.ambient_temp_details   ? 
_diffrn.crystal_id             1 
# 
_diffrn_detector.diffrn_id              1 
_diffrn_detector.detector               'IMAGE PLATE' 
_diffrn_detector.type                   RIGAKU 
_diffrn_detector.pdbx_collection_date   ? 
_diffrn_detector.details                ? 
# 
_diffrn_radiation.diffrn_id                        1 
_diffrn_radiation.wavelength_id                    1 
_diffrn_radiation.pdbx_monochromatic_or_laue_m_l   M 
_diffrn_radiation.monochromator                    ? 
_diffrn_radiation.pdbx_diffrn_protocol             'SINGLE WAVELENGTH' 
_diffrn_radiation.pdbx_scattering_type             x-ray 
# 
_diffrn_radiation_wavelength.id           1 
_diffrn_radiation_wavelength.wavelength   1.5418 
_diffrn_radiation_wavelength.wt           1.0 
# 
_diffrn_source.diffrn_id                   1 
_diffrn_source.source                      'ROTATING ANODE' 
_diffrn_source.type                        RIGAKU 
_diffrn_source.pdbx_synchrotron_site       ? 
_diffrn_source.pdbx_synchrotron_beamline   ? 
_diffrn_source.pdbx_wavelength             1.5418 
_diffrn_source.pdbx_wavelength_list        ? 
# 
_reflns.entry_id                     1L3Z 
_reflns.observed_criterion_sigma_I   0 
_reflns.observed_criterion_sigma_F   ? 
_reflns.d_resolution_low             50.0 
_reflns.d_resolution_high            2.01 
_reflns.number_obs                   22206 
_reflns.number_all                   ? 
_reflns.percent_possible_obs         93.8 
_reflns.pdbx_Rmerge_I_obs            ? 
_reflns.pdbx_Rsym_value              ? 
_reflns.pdbx_netI_over_sigmaI        ? 
_reflns.B_iso_Wilson_estimate        18.1 
_reflns.pdbx_redundancy              ? 
_reflns.R_free_details               ? 
_reflns.pdbx_diffrn_id               1 
_reflns.pdbx_ordinal                 1 
# 
_reflns_shell.d_res_high             2.01 
_reflns_shell.d_res_low              2.13 
_reflns_shell.percent_possible_all   ? 
_reflns_shell.Rmerge_I_obs           ? 
_reflns_shell.pdbx_Rsym_value        ? 
_reflns_shell.meanI_over_sigI_obs    ? 
_reflns_shell.pdbx_redundancy        ? 
_reflns_shell.percent_possible_obs   ? 
_reflns_shell.number_unique_all      ? 
_reflns_shell.pdbx_diffrn_id         ? 
_reflns_shell.pdbx_ordinal           1 
# 
_refine.entry_id                                 1L3Z 
_refine.ls_number_reflns_obs                     2808 
_refine.ls_number_reflns_all                     ? 
_refine.pdbx_ls_sigma_I                          ? 
_refine.pdbx_ls_sigma_F                          2.0 
_refine.pdbx_data_cutoff_high_absF               ? 
_refine.pdbx_data_cutoff_low_absF                ? 
_refine.pdbx_data_cutoff_high_rms_absF           545644.27 
_refine.ls_d_res_low                             20.00 
_refine.ls_d_res_high                            2.01 
_refine.ls_percent_reflns_obs                    92.5 
_refine.ls_R_factor_obs                          0.18 
_refine.ls_R_factor_all                          ? 
_refine.ls_R_factor_R_work                       0.18 
_refine.ls_R_factor_R_free                       0.225 
_refine.ls_R_factor_R_free_error                 0.014 
_refine.ls_R_factor_R_free_error_details         ? 
_refine.ls_percent_reflns_R_free                 9.2 
_refine.ls_number_reflns_R_free                  259 
_refine.ls_number_parameters                     ? 
_refine.ls_number_restraints                     ? 
_refine.occupancy_min                            ? 
_refine.occupancy_max                            ? 
_refine.correlation_coeff_Fo_to_Fc               ? 
_refine.correlation_coeff_Fo_to_Fc_free          ? 
_refine.B_iso_mean                               30.5 
_refine.aniso_B[1][1]                            3.28 
_refine.aniso_B[2][2]                            -2.95 
_refine.aniso_B[3][3]                            -0.34 
_refine.aniso_B[1][2]                            0.00 
_refine.aniso_B[1][3]                            0.00 
_refine.aniso_B[2][3]                            0.00 
_refine.solvent_model_details                    ? 
_refine.solvent_model_param_ksol                 ? 
_refine.solvent_model_param_bsol                 ? 
_refine.pdbx_solvent_vdw_probe_radii             ? 
_refine.pdbx_solvent_ion_probe_radii             ? 
_refine.pdbx_solvent_shrinkage_radii             ? 
_refine.pdbx_ls_cross_valid_method               THROUGHOUT 
_refine.details                                  ? 
_refine.pdbx_starting_model                      ? 
_refine.pdbx_method_to_determine_struct          ? 
_refine.pdbx_isotropic_thermal_model             RESTRAINED 
_refine.pdbx_stereochemistry_target_values       ? 
_refine.pdbx_stereochem_target_val_spec_case     ? 
_refine.pdbx_R_Free_selection_details            RANDOM 
_refine.pdbx_overall_ESU_R                       ? 
_refine.pdbx_overall_ESU_R_Free                  ? 
_refine.overall_SU_ML                            ? 
_refine.overall_SU_B                             ? 
_refine.ls_redundancy_reflns_obs                 ? 
_refine.overall_SU_R_Cruickshank_DPI             ? 
_refine.overall_SU_R_free                        ? 
_refine.pdbx_refine_id                           'X-RAY DIFFRACTION' 
_refine.pdbx_diffrn_id                           1 
_refine.pdbx_TLS_residual_ADP_flag               ? 
_refine.pdbx_overall_phase_error                 ? 
_refine.pdbx_overall_SU_R_free_Cruickshank_DPI   ? 
_refine.pdbx_overall_SU_R_Blow_DPI               ? 
_refine.pdbx_overall_SU_R_free_Blow_DPI          ? 
# 
_refine_analyze.entry_id                        1L3Z 
_refine_analyze.Luzzati_coordinate_error_obs    0.21 
_refine_analyze.Luzzati_sigma_a_obs             0.23 
_refine_analyze.Luzzati_d_res_low_obs           5.00 
_refine_analyze.Luzzati_coordinate_error_free   0.24 
_refine_analyze.Luzzati_sigma_a_free            0.24 
_refine_analyze.Luzzati_d_res_low_free          ? 
_refine_analyze.number_disordered_residues      ? 
_refine_analyze.occupancy_sum_hydrogen          ? 
_refine_analyze.occupancy_sum_non_hydrogen      ? 
_refine_analyze.pdbx_refine_id                  'X-RAY DIFFRACTION' 
# 
_refine_hist.pdbx_refine_id                   'X-RAY DIFFRACTION' 
_refine_hist.cycle_id                         LAST 
_refine_hist.pdbx_number_atoms_protein        0 
_refine_hist.pdbx_number_atoms_nucleic_acid   292 
_refine_hist.pdbx_number_atoms_ligand         1 
_refine_hist.number_atoms_solvent             39 
_refine_hist.number_atoms_total               332 
_refine_hist.d_res_high                       2.01 
_refine_hist.d_res_low                        20.00 
# 
loop_
_refine_ls_restr.type 
_refine_ls_restr.dev_ideal 
_refine_ls_restr.dev_ideal_target 
_refine_ls_restr.weight 
_refine_ls_restr.number 
_refine_ls_restr.pdbx_refine_id 
_refine_ls_restr.pdbx_restraint_function 
c_bond_d                0.003 ?    ? ? 'X-RAY DIFFRACTION' ? 
c_bond_d_na             ?     ?    ? ? 'X-RAY DIFFRACTION' ? 
c_bond_d_prot           ?     ?    ? ? 'X-RAY DIFFRACTION' ? 
c_angle_d               ?     ?    ? ? 'X-RAY DIFFRACTION' ? 
c_angle_d_na            ?     ?    ? ? 'X-RAY DIFFRACTION' ? 
c_angle_d_prot          ?     ?    ? ? 'X-RAY DIFFRACTION' ? 
c_angle_deg             0.8   ?    ? ? 'X-RAY DIFFRACTION' ? 
c_angle_deg_na          ?     ?    ? ? 'X-RAY DIFFRACTION' ? 
c_angle_deg_prot        ?     ?    ? ? 'X-RAY DIFFRACTION' ? 
c_dihedral_angle_d      10.5  ?    ? ? 'X-RAY DIFFRACTION' ? 
c_dihedral_angle_d_na   ?     ?    ? ? 'X-RAY DIFFRACTION' ? 
c_dihedral_angle_d_prot ?     ?    ? ? 'X-RAY DIFFRACTION' ? 
c_improper_angle_d      1.33  ?    ? ? 'X-RAY DIFFRACTION' ? 
c_improper_angle_d_na   ?     ?    ? ? 'X-RAY DIFFRACTION' ? 
c_improper_angle_d_prot ?     ?    ? ? 'X-RAY DIFFRACTION' ? 
c_mcbond_it             1.52  1.50 ? ? 'X-RAY DIFFRACTION' ? 
c_mcangle_it            2.12  2.00 ? ? 'X-RAY DIFFRACTION' ? 
c_scbond_it             1.33  2.00 ? ? 'X-RAY DIFFRACTION' ? 
c_scangle_it            1.85  2.50 ? ? 'X-RAY DIFFRACTION' ? 
# 
_refine_ls_shell.pdbx_total_number_of_bins_used   6 
_refine_ls_shell.d_res_high                       2.01 
_refine_ls_shell.d_res_low                        2.13 
_refine_ls_shell.number_reflns_R_work             329 
_refine_ls_shell.R_factor_R_work                  0.245 
_refine_ls_shell.percent_reflns_obs               74.0 
_refine_ls_shell.R_factor_R_free                  0.289 
_refine_ls_shell.R_factor_R_free_error            0.049 
_refine_ls_shell.percent_reflns_R_free            9.6 
_refine_ls_shell.number_reflns_R_free             35 
_refine_ls_shell.redundancy_reflns_obs            ? 
_refine_ls_shell.pdbx_refine_id                   'X-RAY DIFFRACTION' 
_refine_ls_shell.number_reflns_all                ? 
_refine_ls_shell.R_factor_all                     ? 
# 
_struct.entry_id                  1L3Z 
_struct.title                     'Crystal Structure Analysis of an RNA Heptamer' 
_struct.pdbx_model_details        ? 
_struct.pdbx_CASP_flag            ? 
_struct.pdbx_model_type_details   ? 
# 
_struct_keywords.entry_id        1L3Z 
_struct_keywords.pdbx_keywords   RNA 
_struct_keywords.text            RNA 
# 
loop_
_struct_asym.id 
_struct_asym.pdbx_blank_PDB_chainid_flag 
_struct_asym.pdbx_modified 
_struct_asym.entity_id 
_struct_asym.details 
A N N 1 ? 
B N N 1 ? 
C N N 2 ? 
D N N 3 ? 
E N N 3 ? 
# 
_struct_ref.id                         1 
_struct_ref.entity_id                  1 
_struct_ref.db_name                    PDB 
_struct_ref.db_code                    1L3Z 
_struct_ref.pdbx_db_accession          1L3Z 
_struct_ref.pdbx_db_isoform            ? 
_struct_ref.pdbx_seq_one_letter_code   ? 
_struct_ref.pdbx_align_begin           ? 
# 
loop_
_struct_ref_seq.align_id 
_struct_ref_seq.ref_id 
_struct_ref_seq.pdbx_PDB_id_code 
_struct_ref_seq.pdbx_strand_id 
_struct_ref_seq.seq_align_beg 
_struct_ref_seq.pdbx_seq_align_beg_ins_code 
_struct_ref_seq.seq_align_end 
_struct_ref_seq.pdbx_seq_align_end_ins_code 
_struct_ref_seq.pdbx_db_accession 
_struct_ref_seq.db_align_beg 
_struct_ref_seq.pdbx_db_align_beg_ins_code 
_struct_ref_seq.db_align_end 
_struct_ref_seq.pdbx_db_align_end_ins_code 
_struct_ref_seq.pdbx_auth_seq_align_beg 
_struct_ref_seq.pdbx_auth_seq_align_end 
1 1 1L3Z A 1 ? 7 ? 1L3Z 1 ? 7  ? 1 7  
2 1 1L3Z B 1 ? 7 ? 1L3Z 8 ? 14 ? 8 14 
# 
loop_
_pdbx_struct_assembly.id 
_pdbx_struct_assembly.details 
_pdbx_struct_assembly.method_details 
_pdbx_struct_assembly.oligomeric_details 
_pdbx_struct_assembly.oligomeric_count 
1 author_defined_assembly ? dimeric 2 
2 author_defined_assembly ? dimeric 2 
# 
loop_
_pdbx_struct_assembly_gen.assembly_id 
_pdbx_struct_assembly_gen.oper_expression 
_pdbx_struct_assembly_gen.asym_id_list 
1 1,2 A,C,D 
2 1,3 B,E   
# 
loop_
_pdbx_struct_oper_list.id 
_pdbx_struct_oper_list.type 
_pdbx_struct_oper_list.name 
_pdbx_struct_oper_list.symmetry_operation 
_pdbx_struct_oper_list.matrix[1][1] 
_pdbx_struct_oper_list.matrix[1][2] 
_pdbx_struct_oper_list.matrix[1][3] 
_pdbx_struct_oper_list.vector[1] 
_pdbx_struct_oper_list.matrix[2][1] 
_pdbx_struct_oper_list.matrix[2][2] 
_pdbx_struct_oper_list.matrix[2][3] 
_pdbx_struct_oper_list.vector[2] 
_pdbx_struct_oper_list.matrix[3][1] 
_pdbx_struct_oper_list.matrix[3][2] 
_pdbx_struct_oper_list.matrix[3][3] 
_pdbx_struct_oper_list.vector[3] 
1 'identity operation'         1_555 x,y,z     1.0000000000 0.0000000000 0.0000000000 0.0000000000  0.0000000000 1.0000000000  0.0000000000 0.0000000000   0.0000000000 0.0000000000 1.0000000000  0.0000000000  
2 'crystal symmetry operation' 3_555 -x,y,-z   0.2641265870 0.8220722331 0.5044148983 -5.4012550149 0.8220722331 -0.4653994597 0.3280252833 -0.7844301538  0.5044148983 0.3280252833 -0.7987271273 14.8146463198 
3 'crystal symmetry operation' 3_556 -x,y,-z+1 0.2641265870 0.8220722331 0.5044148983 11.3846027406 0.8220722331 -0.4653994597 0.3280252833 -13.1340672316 0.5044148983 0.3280252833 -0.7987271273 -7.1259335143 
# 
loop_
_struct_biol.id 
_struct_biol.pdbx_parent_biol_id 
_struct_biol.details 
1 ? ? 
2 ? ? 
# 
loop_
_struct_conn.id 
_struct_conn.conn_type_id 
_struct_conn.pdbx_leaving_atom_flag 
_struct_conn.pdbx_PDB_id 
_struct_conn.ptnr1_label_asym_id 
_struct_conn.ptnr1_label_comp_id 
_struct_conn.ptnr1_label_seq_id 
_struct_conn.ptnr1_label_atom_id 
_struct_conn.pdbx_ptnr1_label_alt_id 
_struct_conn.pdbx_ptnr1_PDB_ins_code 
_struct_conn.pdbx_ptnr1_standard_comp_id 
_struct_conn.ptnr1_symmetry 
_struct_conn.ptnr2_label_asym_id 
_struct_conn.ptnr2_label_comp_id 
_struct_conn.ptnr2_label_seq_id 
_struct_conn.ptnr2_label_atom_id 
_struct_conn.pdbx_ptnr2_label_alt_id 
_struct_conn.pdbx_ptnr2_PDB_ins_code 
_struct_conn.ptnr1_auth_asym_id 
_struct_conn.ptnr1_auth_comp_id 
_struct_conn.ptnr1_auth_seq_id 
_struct_conn.ptnr2_auth_asym_id 
_struct_conn.ptnr2_auth_comp_id 
_struct_conn.ptnr2_auth_seq_id 
_struct_conn.ptnr2_symmetry 
_struct_conn.pdbx_ptnr3_label_atom_id 
_struct_conn.pdbx_ptnr3_label_seq_id 
_struct_conn.pdbx_ptnr3_label_comp_id 
_struct_conn.pdbx_ptnr3_label_asym_id 
_struct_conn.pdbx_ptnr3_label_alt_id 
_struct_conn.pdbx_ptnr3_PDB_ins_code 
_struct_conn.details 
_struct_conn.pdbx_dist_value 
_struct_conn.pdbx_value_order 
_struct_conn.pdbx_role 
metalc1  metalc ? ? D HOH . O  ? ? ? 1_555 C NA . NA ? ? A HOH 202 A NA 301 1_555 ? ? ? ? ? ? ?            2.347 ? ? 
metalc2  metalc ? ? D HOH . O  ? ? ? 6_555 C NA . NA ? ? A HOH 202 A NA 301 1_555 ? ? ? ? ? ? ?            2.347 ? ? 
hydrog1  hydrog ? ? B G   1 N1 ? ? ? 1_555 B C  6 N3 ? ? B G   8   B C  13  3_556 ? ? ? ? ? ? WATSON-CRICK ?     ? ? 
hydrog2  hydrog ? ? B G   1 N2 ? ? ? 1_555 B C  6 O2 ? ? B G   8   B C  13  3_556 ? ? ? ? ? ? WATSON-CRICK ?     ? ? 
hydrog3  hydrog ? ? B G   1 O6 ? ? ? 1_555 B C  6 N4 ? ? B G   8   B C  13  3_556 ? ? ? ? ? ? WATSON-CRICK ?     ? ? 
hydrog4  hydrog ? ? B U   2 N3 ? ? ? 1_555 B A  5 N1 ? ? B U   9   B A  12  3_556 ? ? ? ? ? ? WATSON-CRICK ?     ? ? 
hydrog5  hydrog ? ? B U   2 O4 ? ? ? 1_555 B A  5 N6 ? ? B U   9   B A  12  3_556 ? ? ? ? ? ? WATSON-CRICK ?     ? ? 
hydrog6  hydrog ? ? B A   3 N1 ? ? ? 1_555 B U  4 N3 ? ? B A   10  B U  11  3_556 ? ? ? ? ? ? WATSON-CRICK ?     ? ? 
hydrog7  hydrog ? ? B A   3 N6 ? ? ? 1_555 B U  4 O4 ? ? B A   10  B U  11  3_556 ? ? ? ? ? ? WATSON-CRICK ?     ? ? 
hydrog8  hydrog ? ? B U   4 N3 ? ? ? 1_555 B A  3 N1 ? ? B U   11  B A  10  3_556 ? ? ? ? ? ? WATSON-CRICK ?     ? ? 
hydrog9  hydrog ? ? B U   4 O4 ? ? ? 1_555 B A  3 N6 ? ? B U   11  B A  10  3_556 ? ? ? ? ? ? WATSON-CRICK ?     ? ? 
hydrog10 hydrog ? ? B A   5 N1 ? ? ? 1_555 B U  2 N3 ? ? B A   12  B U  9   3_556 ? ? ? ? ? ? WATSON-CRICK ?     ? ? 
hydrog11 hydrog ? ? B A   5 N6 ? ? ? 1_555 B U  2 O4 ? ? B A   12  B U  9   3_556 ? ? ? ? ? ? WATSON-CRICK ?     ? ? 
hydrog12 hydrog ? ? B C   6 N3 ? ? ? 1_555 B G  1 N1 ? ? B C   13  B G  8   3_556 ? ? ? ? ? ? WATSON-CRICK ?     ? ? 
hydrog13 hydrog ? ? B C   6 N4 ? ? ? 1_555 B G  1 O6 ? ? B C   13  B G  8   3_556 ? ? ? ? ? ? WATSON-CRICK ?     ? ? 
hydrog14 hydrog ? ? B C   6 O2 ? ? ? 1_555 B G  1 N2 ? ? B C   13  B G  8   3_556 ? ? ? ? ? ? WATSON-CRICK ?     ? ? 
# 
loop_
_struct_conn_type.id 
_struct_conn_type.criteria 
_struct_conn_type.reference 
metalc ? ? 
hydrog ? ? 
# 
_pdbx_struct_conn_angle.id                    1 
_pdbx_struct_conn_angle.ptnr1_label_atom_id   O 
_pdbx_struct_conn_angle.ptnr1_label_alt_id    ? 
_pdbx_struct_conn_angle.ptnr1_label_asym_id   D 
_pdbx_struct_conn_angle.ptnr1_label_comp_id   HOH 
_pdbx_struct_conn_angle.ptnr1_label_seq_id    . 
_pdbx_struct_conn_angle.ptnr1_auth_atom_id    ? 
_pdbx_struct_conn_angle.ptnr1_auth_asym_id    A 
_pdbx_struct_conn_angle.ptnr1_auth_comp_id    HOH 
_pdbx_struct_conn_angle.ptnr1_auth_seq_id     202 
_pdbx_struct_conn_angle.ptnr1_PDB_ins_code    ? 
_pdbx_struct_conn_angle.ptnr1_symmetry        1_555 
_pdbx_struct_conn_angle.ptnr2_label_atom_id   NA 
_pdbx_struct_conn_angle.ptnr2_label_alt_id    ? 
_pdbx_struct_conn_angle.ptnr2_label_asym_id   C 
_pdbx_struct_conn_angle.ptnr2_label_comp_id   NA 
_pdbx_struct_conn_angle.ptnr2_label_seq_id    . 
_pdbx_struct_conn_angle.ptnr2_auth_atom_id    ? 
_pdbx_struct_conn_angle.ptnr2_auth_asym_id    A 
_pdbx_struct_conn_angle.ptnr2_auth_comp_id    NA 
_pdbx_struct_conn_angle.ptnr2_auth_seq_id     301 
_pdbx_struct_conn_angle.ptnr2_PDB_ins_code    ? 
_pdbx_struct_conn_angle.ptnr2_symmetry        1_555 
_pdbx_struct_conn_angle.ptnr3_label_atom_id   O 
_pdbx_struct_conn_angle.ptnr3_label_alt_id    ? 
_pdbx_struct_conn_angle.ptnr3_label_asym_id   D 
_pdbx_struct_conn_angle.ptnr3_label_comp_id   HOH 
_pdbx_struct_conn_angle.ptnr3_label_seq_id    . 
_pdbx_struct_conn_angle.ptnr3_auth_atom_id    ? 
_pdbx_struct_conn_angle.ptnr3_auth_asym_id    A 
_pdbx_struct_conn_angle.ptnr3_auth_comp_id    HOH 
_pdbx_struct_conn_angle.ptnr3_auth_seq_id     202 
_pdbx_struct_conn_angle.ptnr3_PDB_ins_code    ? 
_pdbx_struct_conn_angle.ptnr3_symmetry        6_555 
_pdbx_struct_conn_angle.value                 1.5 
_pdbx_struct_conn_angle.value_esd             ? 
# 
_struct_site.id                   AC1 
_struct_site.pdbx_evidence_code   Software 
_struct_site.pdbx_auth_asym_id    A 
_struct_site.pdbx_auth_comp_id    NA 
_struct_site.pdbx_auth_seq_id     301 
_struct_site.pdbx_auth_ins_code   ? 
_struct_site.pdbx_num_residues    6 
_struct_site.details              'BINDING SITE FOR RESIDUE NA A 301' 
# 
loop_
_struct_site_gen.id 
_struct_site_gen.site_id 
_struct_site_gen.pdbx_num_res 
_struct_site_gen.label_comp_id 
_struct_site_gen.label_asym_id 
_struct_site_gen.label_seq_id 
_struct_site_gen.pdbx_auth_ins_code 
_struct_site_gen.auth_comp_id 
_struct_site_gen.auth_asym_id 
_struct_site_gen.auth_seq_id 
_struct_site_gen.label_atom_id 
_struct_site_gen.label_alt_id 
_struct_site_gen.symmetry 
_struct_site_gen.details 
1 AC1 6 HOH D . ? HOH A 125 . ? 6_555 ? 
2 AC1 6 HOH D . ? HOH A 125 . ? 1_555 ? 
3 AC1 6 HOH D . ? HOH A 127 . ? 6_555 ? 
4 AC1 6 HOH D . ? HOH A 127 . ? 1_555 ? 
5 AC1 6 HOH D . ? HOH A 202 . ? 6_555 ? 
6 AC1 6 HOH D . ? HOH A 202 . ? 1_555 ? 
# 
loop_
_pdbx_struct_special_symmetry.id 
_pdbx_struct_special_symmetry.PDB_model_num 
_pdbx_struct_special_symmetry.auth_asym_id 
_pdbx_struct_special_symmetry.auth_comp_id 
_pdbx_struct_special_symmetry.auth_seq_id 
_pdbx_struct_special_symmetry.PDB_ins_code 
_pdbx_struct_special_symmetry.label_asym_id 
_pdbx_struct_special_symmetry.label_comp_id 
_pdbx_struct_special_symmetry.label_seq_id 
1 1 A NA  301 ? C NA  . 
2 1 A HOH 129 ? D HOH . 
3 1 A HOH 202 ? D HOH . 
4 1 B HOH 201 ? E HOH . 
# 
loop_
_chem_comp_atom.comp_id 
_chem_comp_atom.atom_id 
_chem_comp_atom.type_symbol 
_chem_comp_atom.pdbx_aromatic_flag 
_chem_comp_atom.pdbx_stereo_config 
_chem_comp_atom.pdbx_ordinal 
A   OP3    O  N N 1   
A   P      P  N N 2   
A   OP1    O  N N 3   
A   OP2    O  N N 4   
A   "O5'"  O  N N 5   
A   "C5'"  C  N N 6   
A   "C4'"  C  N R 7   
A   "O4'"  O  N N 8   
A   "C3'"  C  N S 9   
A   "O3'"  O  N N 10  
A   "C2'"  C  N R 11  
A   "O2'"  O  N N 12  
A   "C1'"  C  N R 13  
A   N9     N  Y N 14  
A   C8     C  Y N 15  
A   N7     N  Y N 16  
A   C5     C  Y N 17  
A   C6     C  Y N 18  
A   N6     N  N N 19  
A   N1     N  Y N 20  
A   C2     C  Y N 21  
A   N3     N  Y N 22  
A   C4     C  Y N 23  
A   HOP3   H  N N 24  
A   HOP2   H  N N 25  
A   "H5'"  H  N N 26  
A   "H5''" H  N N 27  
A   "H4'"  H  N N 28  
A   "H3'"  H  N N 29  
A   "HO3'" H  N N 30  
A   "H2'"  H  N N 31  
A   "HO2'" H  N N 32  
A   "H1'"  H  N N 33  
A   H8     H  N N 34  
A   H61    H  N N 35  
A   H62    H  N N 36  
A   H2     H  N N 37  
C   OP3    O  N N 38  
C   P      P  N N 39  
C   OP1    O  N N 40  
C   OP2    O  N N 41  
C   "O5'"  O  N N 42  
C   "C5'"  C  N N 43  
C   "C4'"  C  N R 44  
C   "O4'"  O  N N 45  
C   "C3'"  C  N S 46  
C   "O3'"  O  N N 47  
C   "C2'"  C  N R 48  
C   "O2'"  O  N N 49  
C   "C1'"  C  N R 50  
C   N1     N  N N 51  
C   C2     C  N N 52  
C   O2     O  N N 53  
C   N3     N  N N 54  
C   C4     C  N N 55  
C   N4     N  N N 56  
C   C5     C  N N 57  
C   C6     C  N N 58  
C   HOP3   H  N N 59  
C   HOP2   H  N N 60  
C   "H5'"  H  N N 61  
C   "H5''" H  N N 62  
C   "H4'"  H  N N 63  
C   "H3'"  H  N N 64  
C   "HO3'" H  N N 65  
C   "H2'"  H  N N 66  
C   "HO2'" H  N N 67  
C   "H1'"  H  N N 68  
C   H41    H  N N 69  
C   H42    H  N N 70  
C   H5     H  N N 71  
C   H6     H  N N 72  
G   OP3    O  N N 73  
G   P      P  N N 74  
G   OP1    O  N N 75  
G   OP2    O  N N 76  
G   "O5'"  O  N N 77  
G   "C5'"  C  N N 78  
G   "C4'"  C  N R 79  
G   "O4'"  O  N N 80  
G   "C3'"  C  N S 81  
G   "O3'"  O  N N 82  
G   "C2'"  C  N R 83  
G   "O2'"  O  N N 84  
G   "C1'"  C  N R 85  
G   N9     N  Y N 86  
G   C8     C  Y N 87  
G   N7     N  Y N 88  
G   C5     C  Y N 89  
G   C6     C  N N 90  
G   O6     O  N N 91  
G   N1     N  N N 92  
G   C2     C  N N 93  
G   N2     N  N N 94  
G   N3     N  N N 95  
G   C4     C  Y N 96  
G   HOP3   H  N N 97  
G   HOP2   H  N N 98  
G   "H5'"  H  N N 99  
G   "H5''" H  N N 100 
G   "H4'"  H  N N 101 
G   "H3'"  H  N N 102 
G   "HO3'" H  N N 103 
G   "H2'"  H  N N 104 
G   "HO2'" H  N N 105 
G   "H1'"  H  N N 106 
G   H8     H  N N 107 
G   H1     H  N N 108 
G   H21    H  N N 109 
G   H22    H  N N 110 
HOH O      O  N N 111 
HOH H1     H  N N 112 
HOH H2     H  N N 113 
NA  NA     NA N N 114 
U   OP3    O  N N 115 
U   P      P  N N 116 
U   OP1    O  N N 117 
U   OP2    O  N N 118 
U   "O5'"  O  N N 119 
U   "C5'"  C  N N 120 
U   "C4'"  C  N R 121 
U   "O4'"  O  N N 122 
U   "C3'"  C  N S 123 
U   "O3'"  O  N N 124 
U   "C2'"  C  N R 125 
U   "O2'"  O  N N 126 
U   "C1'"  C  N R 127 
U   N1     N  N N 128 
U   C2     C  N N 129 
U   O2     O  N N 130 
U   N3     N  N N 131 
U   C4     C  N N 132 
U   O4     O  N N 133 
U   C5     C  N N 134 
U   C6     C  N N 135 
U   HOP3   H  N N 136 
U   HOP2   H  N N 137 
U   "H5'"  H  N N 138 
U   "H5''" H  N N 139 
U   "H4'"  H  N N 140 
U   "H3'"  H  N N 141 
U   "HO3'" H  N N 142 
U   "H2'"  H  N N 143 
U   "HO2'" H  N N 144 
U   "H1'"  H  N N 145 
U   H3     H  N N 146 
U   H5     H  N N 147 
U   H6     H  N N 148 
# 
loop_
_chem_comp_bond.comp_id 
_chem_comp_bond.atom_id_1 
_chem_comp_bond.atom_id_2 
_chem_comp_bond.value_order 
_chem_comp_bond.pdbx_aromatic_flag 
_chem_comp_bond.pdbx_stereo_config 
_chem_comp_bond.pdbx_ordinal 
A   OP3   P      sing N N 1   
A   OP3   HOP3   sing N N 2   
A   P     OP1    doub N N 3   
A   P     OP2    sing N N 4   
A   P     "O5'"  sing N N 5   
A   OP2   HOP2   sing N N 6   
A   "O5'" "C5'"  sing N N 7   
A   "C5'" "C4'"  sing N N 8   
A   "C5'" "H5'"  sing N N 9   
A   "C5'" "H5''" sing N N 10  
A   "C4'" "O4'"  sing N N 11  
A   "C4'" "C3'"  sing N N 12  
A   "C4'" "H4'"  sing N N 13  
A   "O4'" "C1'"  sing N N 14  
A   "C3'" "O3'"  sing N N 15  
A   "C3'" "C2'"  sing N N 16  
A   "C3'" "H3'"  sing N N 17  
A   "O3'" "HO3'" sing N N 18  
A   "C2'" "O2'"  sing N N 19  
A   "C2'" "C1'"  sing N N 20  
A   "C2'" "H2'"  sing N N 21  
A   "O2'" "HO2'" sing N N 22  
A   "C1'" N9     sing N N 23  
A   "C1'" "H1'"  sing N N 24  
A   N9    C8     sing Y N 25  
A   N9    C4     sing Y N 26  
A   C8    N7     doub Y N 27  
A   C8    H8     sing N N 28  
A   N7    C5     sing Y N 29  
A   C5    C6     sing Y N 30  
A   C5    C4     doub Y N 31  
A   C6    N6     sing N N 32  
A   C6    N1     doub Y N 33  
A   N6    H61    sing N N 34  
A   N6    H62    sing N N 35  
A   N1    C2     sing Y N 36  
A   C2    N3     doub Y N 37  
A   C2    H2     sing N N 38  
A   N3    C4     sing Y N 39  
C   OP3   P      sing N N 40  
C   OP3   HOP3   sing N N 41  
C   P     OP1    doub N N 42  
C   P     OP2    sing N N 43  
C   P     "O5'"  sing N N 44  
C   OP2   HOP2   sing N N 45  
C   "O5'" "C5'"  sing N N 46  
C   "C5'" "C4'"  sing N N 47  
C   "C5'" "H5'"  sing N N 48  
C   "C5'" "H5''" sing N N 49  
C   "C4'" "O4'"  sing N N 50  
C   "C4'" "C3'"  sing N N 51  
C   "C4'" "H4'"  sing N N 52  
C   "O4'" "C1'"  sing N N 53  
C   "C3'" "O3'"  sing N N 54  
C   "C3'" "C2'"  sing N N 55  
C   "C3'" "H3'"  sing N N 56  
C   "O3'" "HO3'" sing N N 57  
C   "C2'" "O2'"  sing N N 58  
C   "C2'" "C1'"  sing N N 59  
C   "C2'" "H2'"  sing N N 60  
C   "O2'" "HO2'" sing N N 61  
C   "C1'" N1     sing N N 62  
C   "C1'" "H1'"  sing N N 63  
C   N1    C2     sing N N 64  
C   N1    C6     sing N N 65  
C   C2    O2     doub N N 66  
C   C2    N3     sing N N 67  
C   N3    C4     doub N N 68  
C   C4    N4     sing N N 69  
C   C4    C5     sing N N 70  
C   N4    H41    sing N N 71  
C   N4    H42    sing N N 72  
C   C5    C6     doub N N 73  
C   C5    H5     sing N N 74  
C   C6    H6     sing N N 75  
G   OP3   P      sing N N 76  
G   OP3   HOP3   sing N N 77  
G   P     OP1    doub N N 78  
G   P     OP2    sing N N 79  
G   P     "O5'"  sing N N 80  
G   OP2   HOP2   sing N N 81  
G   "O5'" "C5'"  sing N N 82  
G   "C5'" "C4'"  sing N N 83  
G   "C5'" "H5'"  sing N N 84  
G   "C5'" "H5''" sing N N 85  
G   "C4'" "O4'"  sing N N 86  
G   "C4'" "C3'"  sing N N 87  
G   "C4'" "H4'"  sing N N 88  
G   "O4'" "C1'"  sing N N 89  
G   "C3'" "O3'"  sing N N 90  
G   "C3'" "C2'"  sing N N 91  
G   "C3'" "H3'"  sing N N 92  
G   "O3'" "HO3'" sing N N 93  
G   "C2'" "O2'"  sing N N 94  
G   "C2'" "C1'"  sing N N 95  
G   "C2'" "H2'"  sing N N 96  
G   "O2'" "HO2'" sing N N 97  
G   "C1'" N9     sing N N 98  
G   "C1'" "H1'"  sing N N 99  
G   N9    C8     sing Y N 100 
G   N9    C4     sing Y N 101 
G   C8    N7     doub Y N 102 
G   C8    H8     sing N N 103 
G   N7    C5     sing Y N 104 
G   C5    C6     sing N N 105 
G   C5    C4     doub Y N 106 
G   C6    O6     doub N N 107 
G   C6    N1     sing N N 108 
G   N1    C2     sing N N 109 
G   N1    H1     sing N N 110 
G   C2    N2     sing N N 111 
G   C2    N3     doub N N 112 
G   N2    H21    sing N N 113 
G   N2    H22    sing N N 114 
G   N3    C4     sing N N 115 
HOH O     H1     sing N N 116 
HOH O     H2     sing N N 117 
U   OP3   P      sing N N 118 
U   OP3   HOP3   sing N N 119 
U   P     OP1    doub N N 120 
U   P     OP2    sing N N 121 
U   P     "O5'"  sing N N 122 
U   OP2   HOP2   sing N N 123 
U   "O5'" "C5'"  sing N N 124 
U   "C5'" "C4'"  sing N N 125 
U   "C5'" "H5'"  sing N N 126 
U   "C5'" "H5''" sing N N 127 
U   "C4'" "O4'"  sing N N 128 
U   "C4'" "C3'"  sing N N 129 
U   "C4'" "H4'"  sing N N 130 
U   "O4'" "C1'"  sing N N 131 
U   "C3'" "O3'"  sing N N 132 
U   "C3'" "C2'"  sing N N 133 
U   "C3'" "H3'"  sing N N 134 
U   "O3'" "HO3'" sing N N 135 
U   "C2'" "O2'"  sing N N 136 
U   "C2'" "C1'"  sing N N 137 
U   "C2'" "H2'"  sing N N 138 
U   "O2'" "HO2'" sing N N 139 
U   "C1'" N1     sing N N 140 
U   "C1'" "H1'"  sing N N 141 
U   N1    C2     sing N N 142 
U   N1    C6     sing N N 143 
U   C2    O2     doub N N 144 
U   C2    N3     sing N N 145 
U   N3    C4     sing N N 146 
U   N3    H3     sing N N 147 
U   C4    O4     doub N N 148 
U   C4    C5     sing N N 149 
U   C5    C6     doub N N 150 
U   C5    H5     sing N N 151 
U   C6    H6     sing N N 152 
# 
_ndb_struct_conf_na.entry_id   1L3Z 
_ndb_struct_conf_na.feature    'a-form double helix' 
# 
loop_
_ndb_struct_na_base_pair.model_number 
_ndb_struct_na_base_pair.i_label_asym_id 
_ndb_struct_na_base_pair.i_label_comp_id 
_ndb_struct_na_base_pair.i_label_seq_id 
_ndb_struct_na_base_pair.i_symmetry 
_ndb_struct_na_base_pair.j_label_asym_id 
_ndb_struct_na_base_pair.j_label_comp_id 
_ndb_struct_na_base_pair.j_label_seq_id 
_ndb_struct_na_base_pair.j_symmetry 
_ndb_struct_na_base_pair.shear 
_ndb_struct_na_base_pair.stretch 
_ndb_struct_na_base_pair.stagger 
_ndb_struct_na_base_pair.buckle 
_ndb_struct_na_base_pair.propeller 
_ndb_struct_na_base_pair.opening 
_ndb_struct_na_base_pair.pair_number 
_ndb_struct_na_base_pair.pair_name 
_ndb_struct_na_base_pair.i_auth_asym_id 
_ndb_struct_na_base_pair.i_auth_seq_id 
_ndb_struct_na_base_pair.i_PDB_ins_code 
_ndb_struct_na_base_pair.j_auth_asym_id 
_ndb_struct_na_base_pair.j_auth_seq_id 
_ndb_struct_na_base_pair.j_PDB_ins_code 
_ndb_struct_na_base_pair.hbond_type_28 
_ndb_struct_na_base_pair.hbond_type_12 
1 B G 1 1_555 B C 6 3_556 -0.203 -0.138 0.112 -5.969 -11.701 -0.483 1 B_G8:C13_B  B 8  ? B 13 ? 19 1 
1 B U 2 1_555 B A 5 3_556 -0.223 -0.130 0.271 -2.264 -11.661 0.967  2 B_U9:A12_B  B 9  ? B 12 ? 20 1 
1 B A 3 1_555 B U 4 3_556 -0.059 -0.119 0.260 1.192  -15.805 6.990  3 B_A10:U11_B B 10 ? B 11 ? 20 1 
1 B U 4 1_555 B A 3 3_556 0.059  -0.119 0.260 -1.192 -15.805 6.990  4 B_U11:A10_B B 11 ? B 10 ? 20 1 
1 B A 5 1_555 B U 2 3_556 0.223  -0.130 0.271 2.264  -11.661 0.967  5 B_A12:U9_B  B 12 ? B 9  ? 20 1 
1 B C 6 1_555 B G 1 3_556 0.203  -0.138 0.112 5.969  -11.701 -0.483 6 B_C13:G8_B  B 13 ? B 8  ? 19 1 
# 
loop_
_ndb_struct_na_base_pair_step.model_number 
_ndb_struct_na_base_pair_step.i_label_asym_id_1 
_ndb_struct_na_base_pair_step.i_label_comp_id_1 
_ndb_struct_na_base_pair_step.i_label_seq_id_1 
_ndb_struct_na_base_pair_step.i_symmetry_1 
_ndb_struct_na_base_pair_step.j_label_asym_id_1 
_ndb_struct_na_base_pair_step.j_label_comp_id_1 
_ndb_struct_na_base_pair_step.j_label_seq_id_1 
_ndb_struct_na_base_pair_step.j_symmetry_1 
_ndb_struct_na_base_pair_step.i_label_asym_id_2 
_ndb_struct_na_base_pair_step.i_label_comp_id_2 
_ndb_struct_na_base_pair_step.i_label_seq_id_2 
_ndb_struct_na_base_pair_step.i_symmetry_2 
_ndb_struct_na_base_pair_step.j_label_asym_id_2 
_ndb_struct_na_base_pair_step.j_label_comp_id_2 
_ndb_struct_na_base_pair_step.j_label_seq_id_2 
_ndb_struct_na_base_pair_step.j_symmetry_2 
_ndb_struct_na_base_pair_step.shift 
_ndb_struct_na_base_pair_step.slide 
_ndb_struct_na_base_pair_step.rise 
_ndb_struct_na_base_pair_step.tilt 
_ndb_struct_na_base_pair_step.roll 
_ndb_struct_na_base_pair_step.twist 
_ndb_struct_na_base_pair_step.x_displacement 
_ndb_struct_na_base_pair_step.y_displacement 
_ndb_struct_na_base_pair_step.helical_rise 
_ndb_struct_na_base_pair_step.inclination 
_ndb_struct_na_base_pair_step.tip 
_ndb_struct_na_base_pair_step.helical_twist 
_ndb_struct_na_base_pair_step.step_number 
_ndb_struct_na_base_pair_step.step_name 
_ndb_struct_na_base_pair_step.i_auth_asym_id_1 
_ndb_struct_na_base_pair_step.i_auth_seq_id_1 
_ndb_struct_na_base_pair_step.i_PDB_ins_code_1 
_ndb_struct_na_base_pair_step.j_auth_asym_id_1 
_ndb_struct_na_base_pair_step.j_auth_seq_id_1 
_ndb_struct_na_base_pair_step.j_PDB_ins_code_1 
_ndb_struct_na_base_pair_step.i_auth_asym_id_2 
_ndb_struct_na_base_pair_step.i_auth_seq_id_2 
_ndb_struct_na_base_pair_step.i_PDB_ins_code_2 
_ndb_struct_na_base_pair_step.j_auth_asym_id_2 
_ndb_struct_na_base_pair_step.j_auth_seq_id_2 
_ndb_struct_na_base_pair_step.j_PDB_ins_code_2 
1 B G 1 1_555 B C 6 3_556 B U 2 1_555 B A 5 3_556 -0.116 -1.405 3.186 -3.294 7.603  30.983 -3.814 -0.340 2.769 13.922 6.032  
32.045 1 BB_G8U9:A12C13_BB   B 8  ? B 13 ? B 9  ? B 12 ? 
1 B U 2 1_555 B A 5 3_556 B A 3 1_555 B U 4 3_556 0.115  -1.490 3.072 0.179  13.619 31.626 -4.335 -0.171 2.258 23.663 -0.310 
34.365 2 BB_U9A10:U11A12_BB  B 9  ? B 12 ? B 10 ? B 11 ? 
1 B A 3 1_555 B U 4 3_556 B U 4 1_555 B A 3 3_556 0.000  -1.173 3.300 0.000  12.467 31.704 -3.888 0.000  2.664 21.796 0.000  
34.009 3 BB_A10U11:A10U11_BB B 10 ? B 11 ? B 11 ? B 10 ? 
1 B U 4 1_555 B A 3 3_556 B A 5 1_555 B U 2 3_556 -0.115 -1.490 3.072 -0.179 13.619 31.626 -4.335 0.171  2.258 23.663 0.310  
34.365 4 BB_U11A12:U9A10_BB  B 11 ? B 10 ? B 12 ? B 9  ? 
1 B A 5 1_555 B U 2 3_556 B C 6 1_555 B G 1 3_556 0.116  -1.405 3.186 3.294  7.603  30.983 -3.814 0.340  2.769 13.922 -6.032 
32.045 5 BB_A12C13:G8U9_BB   B 12 ? B 9  ? B 13 ? B 8  ? 
# 
_atom_sites.entry_id                    1L3Z 
_atom_sites.fract_transf_matrix[1][1]   -0.00953380 
_atom_sites.fract_transf_matrix[1][2]   0.02923162 
_atom_sites.fract_transf_matrix[1][3]   -0.02374745 
_atom_sites.fract_transf_matrix[2][1]   0.00745971 
_atom_sites.fract_transf_matrix[2][2]   0.00485111 
_atom_sites.fract_transf_matrix[2][3]   0.00297659 
_atom_sites.fract_transf_matrix[3][1]   0.01833187 
_atom_sites.fract_transf_matrix[3][2]   -0.01348706 
_atom_sites.fract_transf_matrix[3][3]   -0.02396135 
_atom_sites.fract_transf_vector[1]      0.161623 
_atom_sites.fract_transf_vector[2]      0.129843 
_atom_sites.fract_transf_vector[3]      0.221707 
# 
loop_
_atom_type.symbol 
C  
N  
NA 
O  
P  
# 
loop_
_atom_site.group_PDB 
_atom_site.id 
_atom_site.type_symbol 
_atom_site.label_atom_id 
_atom_site.label_alt_id 
_atom_site.label_comp_id 
_atom_site.label_asym_id 
_atom_site.label_entity_id 
_atom_site.label_seq_id 
_atom_site.pdbx_PDB_ins_code 
_atom_site.Cartn_x 
_atom_site.Cartn_y 
_atom_site.Cartn_z 
_atom_site.occupancy 
_atom_site.B_iso_or_equiv 
_atom_site.pdbx_formal_charge 
_atom_site.auth_seq_id 
_atom_site.auth_comp_id 
_atom_site.auth_asym_id 
_atom_site.auth_atom_id 
_atom_site.pdbx_PDB_model_num 
ATOM   1   O  "O5'" . G   A 1 1 ? 11.848  5.234   9.139   1.00 34.71 ? 1   G   A "O5'" 1 
ATOM   2   C  "C5'" . G   A 1 1 ? 12.987  5.121   8.285   1.00 32.90 ? 1   G   A "C5'" 1 
ATOM   3   C  "C4'" . G   A 1 1 ? 12.958  3.858   7.462   1.00 32.22 ? 1   G   A "C4'" 1 
ATOM   4   O  "O4'" . G   A 1 1 ? 12.956  2.702   8.341   1.00 33.84 ? 1   G   A "O4'" 1 
ATOM   5   C  "C3'" . G   A 1 1 ? 11.713  3.667   6.616   1.00 33.73 ? 1   G   A "C3'" 1 
ATOM   6   O  "O3'" . G   A 1 1 ? 11.829  4.378   5.393   1.00 33.82 ? 1   G   A "O3'" 1 
ATOM   7   C  "C2'" . G   A 1 1 ? 11.715  2.162   6.400   1.00 31.75 ? 1   G   A "C2'" 1 
ATOM   8   O  "O2'" . G   A 1 1 ? 12.669  1.765   5.435   1.00 31.93 ? 1   G   A "O2'" 1 
ATOM   9   C  "C1'" . G   A 1 1 ? 12.166  1.669   7.773   1.00 30.72 ? 1   G   A "C1'" 1 
ATOM   10  N  N9    . G   A 1 1 ? 11.061  1.394   8.685   1.00 29.92 ? 1   G   A N9    1 
ATOM   11  C  C8    . G   A 1 1 ? 10.656  2.173   9.743   1.00 27.86 ? 1   G   A C8    1 
ATOM   12  N  N7    . G   A 1 1 ? 9.657   1.657   10.404  1.00 27.71 ? 1   G   A N7    1 
ATOM   13  C  C5    . G   A 1 1 ? 9.382   0.468   9.743   1.00 28.05 ? 1   G   A C5    1 
ATOM   14  C  C6    . G   A 1 1 ? 8.408   -0.530  10.015  1.00 27.44 ? 1   G   A C6    1 
ATOM   15  O  O6    . G   A 1 1 ? 7.578   -0.568  10.930  1.00 27.80 ? 1   G   A O6    1 
ATOM   16  N  N1    . G   A 1 1 ? 8.466   -1.567  9.089   1.00 26.44 ? 1   G   A N1    1 
ATOM   17  C  C2    . G   A 1 1 ? 9.348   -1.638  8.042   1.00 27.73 ? 1   G   A C2    1 
ATOM   18  N  N2    . G   A 1 1 ? 9.237   -2.719  7.251   1.00 24.40 ? 1   G   A N2    1 
ATOM   19  N  N3    . G   A 1 1 ? 10.269  -0.718  7.785   1.00 28.51 ? 1   G   A N3    1 
ATOM   20  C  C4    . G   A 1 1 ? 10.229  0.298   8.670   1.00 27.93 ? 1   G   A C4    1 
ATOM   21  P  P     . U   A 1 2 ? 10.521  5.008   4.713   1.00 34.05 ? 2   U   A P     1 
ATOM   22  O  OP1   . U   A 1 2 ? 10.987  5.835   3.571   1.00 36.03 ? 2   U   A OP1   1 
ATOM   23  O  OP2   . U   A 1 2 ? 9.685   5.622   5.773   1.00 32.10 ? 2   U   A OP2   1 
ATOM   24  O  "O5'" . U   A 1 2 ? 9.753   3.752   4.115   1.00 31.89 ? 2   U   A "O5'" 1 
ATOM   25  C  "C5'" . U   A 1 2 ? 10.324  3.000   3.050   1.00 30.85 ? 2   U   A "C5'" 1 
ATOM   26  C  "C4'" . U   A 1 2 ? 9.521   1.748   2.799   1.00 31.63 ? 2   U   A "C4'" 1 
ATOM   27  O  "O4'" . U   A 1 2 ? 9.593   0.882   3.964   1.00 32.19 ? 2   U   A "O4'" 1 
ATOM   28  C  "C3'" . U   A 1 2 ? 8.029   1.947   2.604   1.00 30.98 ? 2   U   A "C3'" 1 
ATOM   29  O  "O3'" . U   A 1 2 ? 7.724   2.378   1.285   1.00 31.51 ? 2   U   A "O3'" 1 
ATOM   30  C  "C2'" . U   A 1 2 ? 7.499   0.554   2.904   1.00 30.64 ? 2   U   A "C2'" 1 
ATOM   31  O  "O2'" . U   A 1 2 ? 7.711   -0.366  1.852   1.00 30.99 ? 2   U   A "O2'" 1 
ATOM   32  C  "C1'" . U   A 1 2 ? 8.377   0.159   4.094   1.00 30.18 ? 2   U   A "C1'" 1 
ATOM   33  N  N1    . U   A 1 2 ? 7.760   0.522   5.377   1.00 29.01 ? 2   U   A N1    1 
ATOM   34  C  C2    . U   A 1 2 ? 6.809   -0.337  5.898   1.00 29.34 ? 2   U   A C2    1 
ATOM   35  O  O2    . U   A 1 2 ? 6.466   -1.367  5.340   1.00 30.73 ? 2   U   A O2    1 
ATOM   36  N  N3    . U   A 1 2 ? 6.269   0.056   7.097   1.00 26.78 ? 2   U   A N3    1 
ATOM   37  C  C4    . U   A 1 2 ? 6.577   1.189   7.809   1.00 25.70 ? 2   U   A C4    1 
ATOM   38  O  O4    . U   A 1 2 ? 6.025   1.388   8.884   1.00 25.18 ? 2   U   A O4    1 
ATOM   39  C  C5    . U   A 1 2 ? 7.568   2.031   7.203   1.00 27.90 ? 2   U   A C5    1 
ATOM   40  C  C6    . U   A 1 2 ? 8.111   1.676   6.036   1.00 28.27 ? 2   U   A C6    1 
ATOM   41  P  P     . A   A 1 3 ? 6.491   3.384   1.042   1.00 33.67 ? 3   A   A P     1 
ATOM   42  O  OP1   . A   A 1 3 ? 6.571   3.816   -0.377  1.00 34.29 ? 3   A   A OP1   1 
ATOM   43  O  OP2   . A   A 1 3 ? 6.450   4.405   2.120   1.00 32.54 ? 3   A   A OP2   1 
ATOM   44  O  "O5'" . A   A 1 3 ? 5.202   2.460   1.218   1.00 32.60 ? 3   A   A "O5'" 1 
ATOM   45  C  "C5'" . A   A 1 3 ? 4.932   1.415   0.289   1.00 29.29 ? 3   A   A "C5'" 1 
ATOM   46  C  "C4'" . A   A 1 3 ? 3.705   0.645   0.705   1.00 28.40 ? 3   A   A "C4'" 1 
ATOM   47  O  "O4'" . A   A 1 3 ? 3.989   -0.107  1.913   1.00 27.66 ? 3   A   A "O4'" 1 
ATOM   48  C  "C3'" . A   A 1 3 ? 2.489   1.476   1.078   1.00 27.91 ? 3   A   A "C3'" 1 
ATOM   49  O  "O3'" . A   A 1 3 ? 1.777   1.900   -0.077  1.00 29.62 ? 3   A   A "O3'" 1 
ATOM   50  C  "C2'" . A   A 1 3 ? 1.690   0.476   1.898   1.00 27.07 ? 3   A   A "C2'" 1 
ATOM   51  O  "O2'" . A   A 1 3 ? 1.032   -0.476  1.088   1.00 25.10 ? 3   A   A "O2'" 1 
ATOM   52  C  "C1'" . A   A 1 3 ? 2.806   -0.214  2.687   1.00 25.72 ? 3   A   A "C1'" 1 
ATOM   53  N  N9    . A   A 1 3 ? 3.042   0.421   3.983   1.00 23.28 ? 3   A   A N9    1 
ATOM   54  C  C8    . A   A 1 3 ? 3.921   1.427   4.304   1.00 24.99 ? 3   A   A C8    1 
ATOM   55  N  N7    . A   A 1 3 ? 3.866   1.795   5.564   1.00 23.94 ? 3   A   A N7    1 
ATOM   56  C  C5    . A   A 1 3 ? 2.889   0.972   6.108   1.00 24.15 ? 3   A   A C5    1 
ATOM   57  C  C6    . A   A 1 3 ? 2.354   0.860   7.408   1.00 23.63 ? 3   A   A C6    1 
ATOM   58  N  N6    . A   A 1 3 ? 2.734   1.615   8.441   1.00 21.35 ? 3   A   A N6    1 
ATOM   59  N  N1    . A   A 1 3 ? 1.396   -0.070  7.611   1.00 23.83 ? 3   A   A N1    1 
ATOM   60  C  C2    . A   A 1 3 ? 1.006   -0.826  6.577   1.00 25.35 ? 3   A   A C2    1 
ATOM   61  N  N3    . A   A 1 3 ? 1.427   -0.814  5.315   1.00 24.39 ? 3   A   A N3    1 
ATOM   62  C  C4    . A   A 1 3 ? 2.379   0.119   5.145   1.00 24.36 ? 3   A   A C4    1 
ATOM   63  P  P     . U   A 1 4 ? 1.122   3.364   -0.116  1.00 31.53 ? 4   U   A P     1 
ATOM   64  O  OP1   . U   A 1 4 ? 0.754   3.675   -1.519  1.00 32.12 ? 4   U   A OP1   1 
ATOM   65  O  OP2   . U   A 1 4 ? 2.008   4.297   0.630   1.00 30.93 ? 4   U   A OP2   1 
ATOM   66  O  "O5'" . U   A 1 4 ? -0.227  3.206   0.717   1.00 30.47 ? 4   U   A "O5'" 1 
ATOM   67  C  "C5'" . U   A 1 4 ? -1.294  2.413   0.218   1.00 28.74 ? 4   U   A "C5'" 1 
ATOM   68  C  "C4'" . U   A 1 4 ? -2.341  2.209   1.288   1.00 27.41 ? 4   U   A "C4'" 1 
ATOM   69  O  "O4'" . U   A 1 4 ? -1.774  1.424   2.370   1.00 26.44 ? 4   U   A "O4'" 1 
ATOM   70  C  "C3'" . U   A 1 4 ? -2.842  3.456   1.999   1.00 27.06 ? 4   U   A "C3'" 1 
ATOM   71  O  "O3'" . U   A 1 4 ? -3.816  4.153   1.243   1.00 26.40 ? 4   U   A "O3'" 1 
ATOM   72  C  "C2'" . U   A 1 4 ? -3.436  2.855   3.263   1.00 25.76 ? 4   U   A "C2'" 1 
ATOM   73  O  "O2'" . U   A 1 4 ? -4.683  2.227   3.030   1.00 27.23 ? 4   U   A "O2'" 1 
ATOM   74  C  "C1'" . U   A 1 4 ? -2.387  1.796   3.593   1.00 26.21 ? 4   U   A "C1'" 1 
ATOM   75  N  N1    . U   A 1 4 ? -1.359  2.343   4.486   1.00 27.09 ? 4   U   A N1    1 
ATOM   76  C  C2    . U   A 1 4 ? -1.626  2.298   5.833   1.00 26.54 ? 4   U   A C2    1 
ATOM   77  O  O2    . U   A 1 4 ? -2.636  1.776   6.285   1.00 24.96 ? 4   U   A O2    1 
ATOM   78  N  N3    . U   A 1 4 ? -0.672  2.874   6.634   1.00 24.15 ? 4   U   A N3    1 
ATOM   79  C  C4    . U   A 1 4 ? 0.506   3.464   6.232   1.00 24.92 ? 4   U   A C4    1 
ATOM   80  O  O4    . U   A 1 4 ? 1.239   3.990   7.080   1.00 24.43 ? 4   U   A O4    1 
ATOM   81  C  C5    . U   A 1 4 ? 0.731   3.443   4.816   1.00 25.38 ? 4   U   A C5    1 
ATOM   82  C  C6    . U   A 1 4 ? -0.189  2.896   4.009   1.00 27.31 ? 4   U   A C6    1 
ATOM   83  P  P     . A   A 1 5 ? -3.977  5.741   1.430   1.00 28.00 ? 5   A   A P     1 
ATOM   84  O  OP1   . A   A 1 5 ? -4.880  6.233   0.357   1.00 29.43 ? 5   A   A OP1   1 
ATOM   85  O  OP2   . A   A 1 5 ? -2.623  6.327   1.577   1.00 29.03 ? 5   A   A OP2   1 
ATOM   86  O  "O5'" . A   A 1 5 ? -4.714  5.912   2.830   1.00 29.64 ? 5   A   A "O5'" 1 
ATOM   87  C  "C5'" . A   A 1 5 ? -5.969  5.293   3.082   1.00 25.93 ? 5   A   A "C5'" 1 
ATOM   88  C  "C4'" . A   A 1 5 ? -6.346  5.466   4.530   1.00 26.15 ? 5   A   A "C4'" 1 
ATOM   89  O  "O4'" . A   A 1 5 ? -5.433  4.704   5.368   1.00 25.84 ? 5   A   A "O4'" 1 
ATOM   90  C  "C3'" . A   A 1 5 ? -6.222  6.875   5.073   1.00 28.24 ? 5   A   A "C3'" 1 
ATOM   91  O  "O3'" . A   A 1 5 ? -7.327  7.694   4.707   1.00 29.46 ? 5   A   A "O3'" 1 
ATOM   92  C  "C2'" . A   A 1 5 ? -6.144  6.619   6.572   1.00 26.77 ? 5   A   A "C2'" 1 
ATOM   93  O  "O2'" . A   A 1 5 ? -7.394  6.295   7.149   1.00 26.20 ? 5   A   A "O2'" 1 
ATOM   94  C  "C1'" . A   A 1 5 ? -5.258  5.373   6.608   1.00 25.94 ? 5   A   A "C1'" 1 
ATOM   95  N  N9    . A   A 1 5 ? -3.838  5.681   6.777   1.00 24.30 ? 5   A   A N9    1 
ATOM   96  C  C8    . A   A 1 5 ? -2.880  5.823   5.805   1.00 22.01 ? 5   A   A C8    1 
ATOM   97  N  N7    . A   A 1 5 ? -1.681  6.085   6.277   1.00 23.27 ? 5   A   A N7    1 
ATOM   98  C  C5    . A   A 1 5 ? -1.863  6.123   7.652   1.00 22.91 ? 5   A   A C5    1 
ATOM   99  C  C6    . A   A 1 5 ? -0.976  6.364   8.723   1.00 21.63 ? 5   A   A C6    1 
ATOM   100 N  N6    . A   A 1 5 ? 0.321   6.651   8.568   1.00 22.00 ? 5   A   A N6    1 
ATOM   101 N  N1    . A   A 1 5 ? -1.478  6.316   9.976   1.00 23.62 ? 5   A   A N1    1 
ATOM   102 C  C2    . A   A 1 5 ? -2.792  6.072   10.133  1.00 22.92 ? 5   A   A C2    1 
ATOM   103 N  N3    . A   A 1 5 ? -3.726  5.852   9.208   1.00 22.85 ? 5   A   A N3    1 
ATOM   104 C  C4    . A   A 1 5 ? -3.190  5.882   7.975   1.00 23.00 ? 5   A   A C4    1 
ATOM   105 P  P     . C   A 1 6 ? -7.075  9.238   4.329   1.00 32.48 ? 6   C   A P     1 
ATOM   106 O  OP1   . C   A 1 6 ? -8.300  9.758   3.666   1.00 34.30 ? 6   C   A OP1   1 
ATOM   107 O  OP2   . C   A 1 6 ? -5.772  9.314   3.621   1.00 33.21 ? 6   C   A OP2   1 
ATOM   108 O  "O5'" . C   A 1 6 ? -6.906  9.962   5.740   1.00 29.42 ? 6   C   A "O5'" 1 
ATOM   109 C  "C5'" . C   A 1 6 ? -7.983  9.990   6.666   1.00 28.43 ? 6   C   A "C5'" 1 
ATOM   110 C  "C4'" . C   A 1 6 ? -7.492  10.362  8.041   1.00 29.22 ? 6   C   A "C4'" 1 
ATOM   111 O  "O4'" . C   A 1 6 ? -6.545  9.368   8.514   1.00 28.95 ? 6   C   A "O4'" 1 
ATOM   112 C  "C3'" . C   A 1 6 ? -6.712  11.661  8.156   1.00 29.94 ? 6   C   A "C3'" 1 
ATOM   113 O  "O3'" . C   A 1 6 ? -7.582  12.781  8.200   1.00 32.96 ? 6   C   A "O3'" 1 
ATOM   114 C  "C2'" . C   A 1 6 ? -6.001  11.469  9.485   1.00 28.77 ? 6   C   A "C2'" 1 
ATOM   115 O  "O2'" . C   A 1 6 ? -6.844  11.708  10.593  1.00 30.09 ? 6   C   A "O2'" 1 
ATOM   116 C  "C1'" . C   A 1 6 ? -5.634  9.983   9.416   1.00 29.06 ? 6   C   A "C1'" 1 
ATOM   117 N  N1    . C   A 1 6 ? -4.265  9.810   8.908   1.00 27.53 ? 6   C   A N1    1 
ATOM   118 C  C2    . C   A 1 6 ? -3.215  9.816   9.826   1.00 26.88 ? 6   C   A C2    1 
ATOM   119 O  O2    . C   A 1 6 ? -3.481  9.916   11.032  1.00 25.97 ? 6   C   A O2    1 
ATOM   120 N  N3    . C   A 1 6 ? -1.943  9.710   9.383   1.00 27.11 ? 6   C   A N3    1 
ATOM   121 C  C4    . C   A 1 6 ? -1.701  9.593   8.079   1.00 27.52 ? 6   C   A C4    1 
ATOM   122 N  N4    . C   A 1 6 ? -0.425  9.506   7.689   1.00 28.24 ? 6   C   A N4    1 
ATOM   123 C  C5    . C   A 1 6 ? -2.757  9.561   7.116   1.00 27.27 ? 6   C   A C5    1 
ATOM   124 C  C6    . C   A 1 6 ? -4.012  9.668   7.572   1.00 25.25 ? 6   C   A C6    1 
ATOM   125 P  P     . A   A 1 7 ? -7.073  14.207  7.672   1.00 35.94 ? 7   A   A P     1 
ATOM   126 O  OP1   . A   A 1 7 ? -8.246  15.113  7.697   1.00 37.86 ? 7   A   A OP1   1 
ATOM   127 O  OP2   . A   A 1 7 ? -6.338  13.991  6.398   1.00 34.84 ? 7   A   A OP2   1 
ATOM   128 O  "O5'" . A   A 1 7 ? -6.038  14.686  8.785   1.00 32.98 ? 7   A   A "O5'" 1 
ATOM   129 C  "C5'" . A   A 1 7 ? -6.460  14.890  10.129  1.00 34.04 ? 7   A   A "C5'" 1 
ATOM   130 C  "C4'" . A   A 1 7 ? -5.266  15.108  11.029  1.00 36.61 ? 7   A   A "C4'" 1 
ATOM   131 O  "O4'" . A   A 1 7 ? -4.429  13.921  11.052  1.00 36.69 ? 7   A   A "O4'" 1 
ATOM   132 C  "C3'" . A   A 1 7 ? -4.306  16.204  10.599  1.00 36.90 ? 7   A   A "C3'" 1 
ATOM   133 O  "O3'" . A   A 1 7 ? -4.808  17.519  10.830  1.00 40.00 ? 7   A   A "O3'" 1 
ATOM   134 C  "C2'" . A   A 1 7 ? -3.046  15.832  11.370  1.00 36.65 ? 7   A   A "C2'" 1 
ATOM   135 O  "O2'" . A   A 1 7 ? -3.098  16.209  12.731  1.00 37.93 ? 7   A   A "O2'" 1 
ATOM   136 C  "C1'" . A   A 1 7 ? -3.075  14.305  11.259  1.00 35.00 ? 7   A   A "C1'" 1 
ATOM   137 N  N9    . A   A 1 7 ? -2.292  13.843  10.119  1.00 32.72 ? 7   A   A N9    1 
ATOM   138 C  C8    . A   A 1 7 ? -2.708  13.675  8.822   1.00 31.70 ? 7   A   A C8    1 
ATOM   139 N  N7    . A   A 1 7 ? -1.767  13.257  8.016   1.00 31.44 ? 7   A   A N7    1 
ATOM   140 C  C5    . A   A 1 7 ? -0.654  13.139  8.838   1.00 30.98 ? 7   A   A C5    1 
ATOM   141 C  C6    . A   A 1 7 ? 0.667   12.739  8.586   1.00 31.36 ? 7   A   A C6    1 
ATOM   142 N  N6    . A   A 1 7 ? 1.113   12.372  7.378   1.00 32.46 ? 7   A   A N6    1 
ATOM   143 N  N1    . A   A 1 7 ? 1.529   12.729  9.628   1.00 31.46 ? 7   A   A N1    1 
ATOM   144 C  C2    . A   A 1 7 ? 1.083   13.101  10.833  1.00 31.15 ? 7   A   A C2    1 
ATOM   145 N  N3    . A   A 1 7 ? -0.133  13.501  11.194  1.00 32.16 ? 7   A   A N3    1 
ATOM   146 C  C4    . A   A 1 7 ? -0.964  13.496  10.136  1.00 32.29 ? 7   A   A C4    1 
ATOM   147 O  "O5'" . G   B 1 1 ? 11.025  -5.219  -7.178  1.00 28.29 ? 8   G   B "O5'" 1 
ATOM   148 C  "C5'" . G   B 1 1 ? 11.644  -4.660  -8.331  1.00 28.11 ? 8   G   B "C5'" 1 
ATOM   149 C  "C4'" . G   B 1 1 ? 11.278  -5.391  -9.603  1.00 27.54 ? 8   G   B "C4'" 1 
ATOM   150 O  "O4'" . G   B 1 1 ? 11.643  -6.798  -9.488  1.00 29.12 ? 8   G   B "O4'" 1 
ATOM   151 C  "C3'" . G   B 1 1 ? 9.797   -5.444  -9.927  1.00 28.47 ? 8   G   B "C3'" 1 
ATOM   152 O  "O3'" . G   B 1 1 ? 9.359   -4.236  -10.531 1.00 28.66 ? 8   G   B "O3'" 1 
ATOM   153 C  "C2'" . G   B 1 1 ? 9.742   -6.624  -10.887 1.00 28.32 ? 8   G   B "C2'" 1 
ATOM   154 O  "O2'" . G   B 1 1 ? 10.227  -6.308  -12.180 1.00 28.40 ? 8   G   B "O2'" 1 
ATOM   155 C  "C1'" . G   B 1 1 ? 10.708  -7.592  -10.203 1.00 27.11 ? 8   G   B "C1'" 1 
ATOM   156 N  N9    . G   B 1 1 ? 10.027  -8.467  -9.252  1.00 28.00 ? 8   G   B N9    1 
ATOM   157 C  C8    . G   B 1 1 ? 10.017  -8.358  -7.881  1.00 26.08 ? 8   G   B C8    1 
ATOM   158 N  N7    . G   B 1 1 ? 9.319   -9.296  -7.298  1.00 27.64 ? 8   G   B N7    1 
ATOM   159 C  C5    . G   B 1 1 ? 8.841   -10.073 -8.346  1.00 25.56 ? 8   G   B C5    1 
ATOM   160 C  C6    . G   B 1 1 ? 8.031   -11.247 -8.334  1.00 26.48 ? 8   G   B C6    1 
ATOM   161 O  O6    . G   B 1 1 ? 7.583   -11.868 -7.360  1.00 24.63 ? 8   G   B O6    1 
ATOM   162 N  N1    . G   B 1 1 ? 7.763   -11.699 -9.625  1.00 25.78 ? 8   G   B N1    1 
ATOM   163 C  C2    . G   B 1 1 ? 8.223   -11.111 -10.777 1.00 25.67 ? 8   G   B C2    1 
ATOM   164 N  N2    . G   B 1 1 ? 7.841   -11.685 -11.925 1.00 22.53 ? 8   G   B N2    1 
ATOM   165 N  N3    . G   B 1 1 ? 8.996   -10.033 -10.802 1.00 26.56 ? 8   G   B N3    1 
ATOM   166 C  C4    . G   B 1 1 ? 9.260   -9.570  -9.559  1.00 25.81 ? 8   G   B C4    1 
ATOM   167 P  P     . U   B 1 2 ? 7.841   -3.750  -10.322 1.00 29.04 ? 9   U   B P     1 
ATOM   168 O  OP1   . U   B 1 2 ? 7.733   -2.365  -10.856 1.00 28.67 ? 9   U   B OP1   1 
ATOM   169 O  OP2   . U   B 1 2 ? 7.474   -4.028  -8.915  1.00 27.87 ? 9   U   B OP2   1 
ATOM   170 O  "O5'" . U   B 1 2 ? 6.992   -4.721  -11.260 1.00 27.15 ? 9   U   B "O5'" 1 
ATOM   171 C  "C5'" . U   B 1 2 ? 7.172   -4.703  -12.673 1.00 26.46 ? 9   U   B "C5'" 1 
ATOM   172 C  "C4'" . U   B 1 2 ? 6.398   -5.828  -13.317 1.00 26.76 ? 9   U   B "C4'" 1 
ATOM   173 O  "O4'" . U   B 1 2 ? 6.935   -7.107  -12.881 1.00 29.10 ? 9   U   B "O4'" 1 
ATOM   174 C  "C3'" . U   B 1 2 ? 4.929   -5.911  -12.943 1.00 28.42 ? 9   U   B "C3'" 1 
ATOM   175 O  "O3'" . U   B 1 2 ? 4.145   -5.001  -13.703 1.00 28.57 ? 9   U   B "O3'" 1 
ATOM   176 C  "C2'" . U   B 1 2 ? 4.613   -7.361  -13.272 1.00 27.45 ? 9   U   B "C2'" 1 
ATOM   177 O  "O2'" . U   B 1 2 ? 4.458   -7.577  -14.658 1.00 28.57 ? 9   U   B "O2'" 1 
ATOM   178 C  "C1'" . U   B 1 2 ? 5.884   -8.055  -12.781 1.00 28.35 ? 9   U   B "C1'" 1 
ATOM   179 N  N1    . U   B 1 2 ? 5.754   -8.462  -11.375 1.00 27.81 ? 9   U   B N1    1 
ATOM   180 C  C2    . U   B 1 2 ? 5.015   -9.602  -11.116 1.00 27.10 ? 9   U   B C2    1 
ATOM   181 O  O2    . U   B 1 2 ? 4.487   -10.256 -11.995 1.00 25.43 ? 9   U   B O2    1 
ATOM   182 N  N3    . U   B 1 2 ? 4.910   -9.941  -9.792  1.00 26.27 ? 9   U   B N3    1 
ATOM   183 C  C4    . U   B 1 2 ? 5.451   -9.265  -8.720  1.00 27.15 ? 9   U   B C4    1 
ATOM   184 O  O4    . U   B 1 2 ? 5.269   -9.700  -7.578  1.00 27.76 ? 9   U   B O4    1 
ATOM   185 C  C5    . U   B 1 2 ? 6.199   -8.093  -9.069  1.00 27.43 ? 9   U   B C5    1 
ATOM   186 C  C6    . U   B 1 2 ? 6.326   -7.743  -10.355 1.00 27.01 ? 9   U   B C6    1 
ATOM   187 P  P     . A   B 1 3 ? 2.826   -4.354  -13.049 1.00 30.23 ? 10  A   B P     1 
ATOM   188 O  OP1   . A   B 1 3 ? 2.338   -3.296  -13.963 1.00 33.14 ? 10  A   B OP1   1 
ATOM   189 O  OP2   . A   B 1 3 ? 3.137   -4.019  -11.639 1.00 30.37 ? 10  A   B OP2   1 
ATOM   190 O  "O5'" . A   B 1 3 ? 1.770   -5.546  -13.055 1.00 31.60 ? 10  A   B "O5'" 1 
ATOM   191 C  "C5'" . A   B 1 3 ? 1.354   -6.150  -14.278 1.00 29.46 ? 10  A   B "C5'" 1 
ATOM   192 C  "C4'" . A   B 1 3 ? 0.460   -7.336  -13.995 1.00 31.01 ? 10  A   B "C4'" 1 
ATOM   193 O  "O4'" . A   B 1 3 ? 1.218   -8.389  -13.339 1.00 29.74 ? 10  A   B "O4'" 1 
ATOM   194 C  "C3'" . A   B 1 3 ? -0.681  -7.061  -13.029 1.00 30.84 ? 10  A   B "C3'" 1 
ATOM   195 O  "O3'" . A   B 1 3 ? -1.776  -6.444  -13.687 1.00 33.22 ? 10  A   B "O3'" 1 
ATOM   196 C  "C2'" . A   B 1 3 ? -1.016  -8.460  -12.537 1.00 31.04 ? 10  A   B "C2'" 1 
ATOM   197 O  "O2'" . A   B 1 3 ? -1.772  -9.193  -13.479 1.00 32.64 ? 10  A   B "O2'" 1 
ATOM   198 C  "C1'" . A   B 1 3 ? 0.380   -9.072  -12.415 1.00 30.64 ? 10  A   B "C1'" 1 
ATOM   199 N  N9    . A   B 1 3 ? 0.939   -8.912  -11.074 1.00 28.48 ? 10  A   B N9    1 
ATOM   200 C  C8    . A   B 1 3 ? 1.784   -7.934  -10.612 1.00 29.85 ? 10  A   B C8    1 
ATOM   201 N  N7    . A   B 1 3 ? 2.127   -8.083  -9.353  1.00 29.52 ? 10  A   B N7    1 
ATOM   202 C  C5    . A   B 1 3 ? 1.463   -9.236  -8.961  1.00 28.04 ? 10  A   B C5    1 
ATOM   203 C  C6    . A   B 1 3 ? 1.432   -9.947  -7.745  1.00 26.77 ? 10  A   B C6    1 
ATOM   204 N  N6    . A   B 1 3 ? 2.130   -9.595  -6.662  1.00 25.48 ? 10  A   B N6    1 
ATOM   205 N  N1    . A   B 1 3 ? 0.657   -11.051 -7.684  1.00 28.42 ? 10  A   B N1    1 
ATOM   206 C  C2    . A   B 1 3 ? -0.024  -11.419 -8.780  1.00 28.51 ? 10  A   B C2    1 
ATOM   207 N  N3    . A   B 1 3 ? -0.061  -10.846 -9.982  1.00 26.16 ? 10  A   B N3    1 
ATOM   208 C  C4    . A   B 1 3 ? 0.713   -9.748  -10.006 1.00 28.74 ? 10  A   B C4    1 
ATOM   209 P  P     . U   B 1 4 ? -2.695  -5.399  -12.884 1.00 34.56 ? 11  U   B P     1 
ATOM   210 O  OP1   . U   B 1 4 ? -3.612  -4.745  -13.849 1.00 35.04 ? 11  U   B OP1   1 
ATOM   211 O  OP2   . U   B 1 4 ? -1.819  -4.566  -12.024 1.00 34.77 ? 11  U   B OP2   1 
ATOM   212 O  "O5'" . U   B 1 4 ? -3.551  -6.334  -11.920 1.00 36.36 ? 11  U   B "O5'" 1 
ATOM   213 C  "C5'" . U   B 1 4 ? -4.452  -7.298  -12.454 1.00 34.81 ? 11  U   B "C5'" 1 
ATOM   214 C  "C4'" . U   B 1 4 ? -5.002  -8.166  -11.348 1.00 34.58 ? 11  U   B "C4'" 1 
ATOM   215 O  "O4'" . U   B 1 4 ? -3.945  -9.006  -10.814 1.00 32.40 ? 11  U   B "O4'" 1 
ATOM   216 C  "C3'" . U   B 1 4 ? -5.536  -7.448  -10.119 1.00 33.87 ? 11  U   B "C3'" 1 
ATOM   217 O  "O3'" . U   B 1 4 ? -6.856  -6.964  -10.318 1.00 37.69 ? 11  U   B "O3'" 1 
ATOM   218 C  "C2'" . U   B 1 4 ? -5.513  -8.568  -9.090  1.00 33.40 ? 11  U   B "C2'" 1 
ATOM   219 O  "O2'" . U   B 1 4 ? -6.576  -9.485  -9.279  1.00 35.71 ? 11  U   B "O2'" 1 
ATOM   220 C  "C1'" . U   B 1 4 ? -4.192  -9.253  -9.438  1.00 32.81 ? 11  U   B "C1'" 1 
ATOM   221 N  N1    . U   B 1 4 ? -3.077  -8.705  -8.651  1.00 30.89 ? 11  U   B N1    1 
ATOM   222 C  C2    . U   B 1 4 ? -2.846  -9.268  -7.412  1.00 29.92 ? 11  U   B C2    1 
ATOM   223 O  O2    . U   B 1 4 ? -3.525  -10.185 -6.968  1.00 31.43 ? 11  U   B O2    1 
ATOM   224 N  N3    . U   B 1 4 ? -1.802  -8.721  -6.712  1.00 29.07 ? 11  U   B N3    1 
ATOM   225 C  C4    . U   B 1 4 ? -0.987  -7.684  -7.112  1.00 27.95 ? 11  U   B C4    1 
ATOM   226 O  O4    . U   B 1 4 ? -0.107  -7.283  -6.354  1.00 26.85 ? 11  U   B O4    1 
ATOM   227 C  C5    . U   B 1 4 ? -1.289  -7.153  -8.408  1.00 29.11 ? 11  U   B C5    1 
ATOM   228 C  C6    . U   B 1 4 ? -2.299  -7.672  -9.117  1.00 29.11 ? 11  U   B C6    1 
ATOM   229 P  P     . A   B 1 5 ? -7.346  -5.641  -9.544  1.00 38.78 ? 12  A   B P     1 
ATOM   230 O  OP1   . A   B 1 5 ? -8.652  -5.250  -10.133 1.00 40.67 ? 12  A   B OP1   1 
ATOM   231 O  OP2   . A   B 1 5 ? -6.227  -4.665  -9.524  1.00 39.13 ? 12  A   B OP2   1 
ATOM   232 O  "O5'" . A   B 1 5 ? -7.564  -6.118  -8.035  1.00 37.72 ? 12  A   B "O5'" 1 
ATOM   233 C  "C5'" . A   B 1 5 ? -8.528  -7.111  -7.718  1.00 37.72 ? 12  A   B "C5'" 1 
ATOM   234 C  "C4'" . A   B 1 5 ? -8.398  -7.542  -6.272  1.00 37.98 ? 12  A   B "C4'" 1 
ATOM   235 O  "O4'" . A   B 1 5 ? -7.143  -8.247  -6.070  1.00 38.12 ? 12  A   B "O4'" 1 
ATOM   236 C  "C3'" . A   B 1 5 ? -8.364  -6.454  -5.209  1.00 37.39 ? 12  A   B "C3'" 1 
ATOM   237 O  "O3'" . A   B 1 5 ? -9.667  -5.978  -4.887  1.00 37.73 ? 12  A   B "O3'" 1 
ATOM   238 C  "C2'" . A   B 1 5 ? -7.765  -7.203  -4.028  1.00 35.47 ? 12  A   B "C2'" 1 
ATOM   239 O  "O2'" . A   B 1 5 ? -8.704  -8.035  -3.385  1.00 35.87 ? 12  A   B "O2'" 1 
ATOM   240 C  "C1'" . A   B 1 5 ? -6.724  -8.081  -4.724  1.00 35.29 ? 12  A   B "C1'" 1 
ATOM   241 N  N9    . A   B 1 5 ? -5.402  -7.461  -4.716  1.00 33.11 ? 12  A   B N9    1 
ATOM   242 C  C8    . A   B 1 5 ? -4.824  -6.674  -5.679  1.00 33.23 ? 12  A   B C8    1 
ATOM   243 N  N7    . A   B 1 5 ? -3.618  -6.262  -5.369  1.00 33.79 ? 12  A   B N7    1 
ATOM   244 C  C5    . A   B 1 5 ? -3.386  -6.818  -4.120  1.00 31.34 ? 12  A   B C5    1 
ATOM   245 C  C6    . A   B 1 5 ? -2.283  -6.764  -3.250  1.00 30.79 ? 12  A   B C6    1 
ATOM   246 N  N6    . A   B 1 5 ? -1.164  -6.093  -3.516  1.00 28.69 ? 12  A   B N6    1 
ATOM   247 N  N1    . A   B 1 5 ? -2.372  -7.435  -2.082  1.00 31.76 ? 12  A   B N1    1 
ATOM   248 C  C2    . A   B 1 5 ? -3.499  -8.110  -1.814  1.00 31.44 ? 12  A   B C2    1 
ATOM   249 N  N3    . A   B 1 5 ? -4.601  -8.233  -2.549  1.00 30.47 ? 12  A   B N3    1 
ATOM   250 C  C4    . A   B 1 5 ? -4.477  -7.556  -3.705  1.00 31.75 ? 12  A   B C4    1 
ATOM   251 P  P     . C   B 1 6 ? -9.851  -4.477  -4.344  1.00 38.99 ? 13  C   B P     1 
ATOM   252 O  OP1   . C   B 1 6 ? -11.301 -4.168  -4.349  1.00 41.30 ? 13  C   B OP1   1 
ATOM   253 O  OP2   . C   B 1 6 ? -8.912  -3.595  -5.082  1.00 39.72 ? 13  C   B OP2   1 
ATOM   254 O  "O5'" . C   B 1 6 ? -9.362  -4.542  -2.829  1.00 37.87 ? 13  C   B "O5'" 1 
ATOM   255 C  "C5'" . C   B 1 6 ? -10.055 -5.343  -1.880  1.00 35.54 ? 13  C   B "C5'" 1 
ATOM   256 C  "C4'" . C   B 1 6 ? -9.265  -5.440  -0.596  1.00 33.75 ? 13  C   B "C4'" 1 
ATOM   257 O  "O4'" . C   B 1 6 ? -7.988  -6.072  -0.871  1.00 34.88 ? 13  C   B "O4'" 1 
ATOM   258 C  "C3'" . C   B 1 6 ? -8.879  -4.129  0.071   1.00 34.59 ? 13  C   B "C3'" 1 
ATOM   259 O  "O3'" . C   B 1 6 ? -9.959  -3.634  0.854   1.00 33.75 ? 13  C   B "O3'" 1 
ATOM   260 C  "C2'" . C   B 1 6 ? -7.709  -4.563  0.950   1.00 32.13 ? 13  C   B "C2'" 1 
ATOM   261 O  "O2'" . C   B 1 6 ? -8.135  -5.206  2.137   1.00 30.62 ? 13  C   B "O2'" 1 
ATOM   262 C  "C1'" . C   B 1 6 ? -7.019  -5.594  0.050   1.00 32.44 ? 13  C   B "C1'" 1 
ATOM   263 N  N1    . C   B 1 6 ? -5.883  -5.032  -0.699  1.00 29.26 ? 13  C   B N1    1 
ATOM   264 C  C2    . C   B 1 6 ? -4.622  -5.039  -0.095  1.00 28.50 ? 13  C   B C2    1 
ATOM   265 O  O2    . C   B 1 6 ? -4.506  -5.541  1.034   1.00 27.97 ? 13  C   B O2    1 
ATOM   266 N  N3    . C   B 1 6 ? -3.566  -4.507  -0.750  1.00 28.50 ? 13  C   B N3    1 
ATOM   267 C  C4    . C   B 1 6 ? -3.733  -3.983  -1.967  1.00 28.31 ? 13  C   B C4    1 
ATOM   268 N  N4    . C   B 1 6 ? -2.662  -3.457  -2.571  1.00 24.20 ? 13  C   B N4    1 
ATOM   269 C  C5    . C   B 1 6 ? -5.009  -3.973  -2.616  1.00 27.98 ? 13  C   B C5    1 
ATOM   270 C  C6    . C   B 1 6 ? -6.047  -4.503  -1.949  1.00 27.96 ? 13  C   B C6    1 
ATOM   271 P  P     . A   B 1 7 ? -10.056 -2.064  1.193   1.00 36.72 ? 14  A   B P     1 
ATOM   272 O  OP1   . A   B 1 7 ? -11.441 -1.834  1.688   1.00 37.64 ? 14  A   B OP1   1 
ATOM   273 O  OP2   . A   B 1 7 ? -9.550  -1.279  0.042   1.00 33.96 ? 14  A   B OP2   1 
ATOM   274 O  "O5'" . A   B 1 7 ? -9.046  -1.854  2.409   1.00 32.59 ? 14  A   B "O5'" 1 
ATOM   275 C  "C5'" . A   B 1 7 ? -9.273  -2.486  3.664   1.00 30.54 ? 14  A   B "C5'" 1 
ATOM   276 C  "C4'" . A   B 1 7 ? -8.156  -2.157  4.626   1.00 30.24 ? 14  A   B "C4'" 1 
ATOM   277 O  "O4'" . A   B 1 7 ? -6.893  -2.601  4.063   1.00 28.54 ? 14  A   B "O4'" 1 
ATOM   278 C  "C3'" . A   B 1 7 ? -8.003  -0.676  4.968   1.00 29.01 ? 14  A   B "C3'" 1 
ATOM   279 O  "O3'" . A   B 1 7 ? -7.844  -0.438  6.373   1.00 30.35 ? 14  A   B "O3'" 1 
ATOM   280 C  "C2'" . A   B 1 7 ? -6.744  -0.250  4.217   1.00 29.15 ? 14  A   B "C2'" 1 
ATOM   281 O  "O2'" . A   B 1 7 ? -6.002  0.741   4.903   1.00 30.95 ? 14  A   B "O2'" 1 
ATOM   282 C  "C1'" . A   B 1 7 ? -5.949  -1.556  4.125   1.00 28.14 ? 14  A   B "C1'" 1 
ATOM   283 N  N9    . A   B 1 7 ? -5.161  -1.572  2.892   1.00 30.06 ? 14  A   B N9    1 
ATOM   284 C  C8    . A   B 1 7 ? -5.636  -1.530  1.605   1.00 28.24 ? 14  A   B C8    1 
ATOM   285 N  N7    . A   B 1 7 ? -4.695  -1.475  0.697   1.00 28.63 ? 14  A   B N7    1 
ATOM   286 C  C5    . A   B 1 7 ? -3.518  -1.495  1.433   1.00 27.32 ? 14  A   B C5    1 
ATOM   287 C  C6    . A   B 1 7 ? -2.167  -1.437  1.055   1.00 27.08 ? 14  A   B C6    1 
ATOM   288 N  N6    . A   B 1 7 ? -1.760  -1.305  -0.209  1.00 26.57 ? 14  A   B N6    1 
ATOM   289 N  N1    . A   B 1 7 ? -1.237  -1.501  2.032   1.00 26.41 ? 14  A   B N1    1 
ATOM   290 C  C2    . A   B 1 7 ? -1.649  -1.595  3.302   1.00 26.32 ? 14  A   B C2    1 
ATOM   291 N  N3    . A   B 1 7 ? -2.890  -1.636  3.783   1.00 27.86 ? 14  A   B N3    1 
ATOM   292 C  C4    . A   B 1 7 ? -3.789  -1.583  2.785   1.00 27.23 ? 14  A   B C4    1 
HETATM 293 NA NA    . NA  C 2 . ? 5.808   11.132  7.645   0.50 64.27 ? 301 NA  A NA    1 
HETATM 294 O  O     . HOH D 3 . ? -2.681  8.589   3.582   1.00 34.26 ? 101 HOH A O     1 
HETATM 295 O  O     . HOH D 3 . ? -0.202  9.511   4.628   1.00 46.63 ? 102 HOH A O     1 
HETATM 296 O  O     . HOH D 3 . ? 0.271   6.472   2.057   1.00 37.48 ? 104 HOH A O     1 
HETATM 297 O  O     . HOH D 3 . ? 0.420   6.797   4.875   1.00 40.51 ? 105 HOH A O     1 
HETATM 298 O  O     . HOH D 3 . ? 4.339   4.371   6.656   1.00 37.30 ? 106 HOH A O     1 
HETATM 299 O  O     . HOH D 3 . ? 6.772   4.937   4.819   1.00 45.69 ? 107 HOH A O     1 
HETATM 300 O  O     . HOH D 3 . ? 3.377   5.089   3.173   1.00 45.06 ? 108 HOH A O     1 
HETATM 301 O  O     . HOH D 3 . ? 0.925   -0.973  -1.631  1.00 40.07 ? 119 HOH A O     1 
HETATM 302 O  O     . HOH D 3 . ? 2.694   6.446   6.245   1.00 55.23 ? 120 HOH A O     1 
HETATM 303 O  O     . HOH D 3 . ? 14.508  3.362   3.876   1.00 48.03 ? 121 HOH A O     1 
HETATM 304 O  O     . HOH D 3 . ? -0.733  14.293  13.581  1.00 53.58 ? 122 HOH A O     1 
HETATM 305 O  O     . HOH D 3 . ? -1.701  12.265  5.238   1.00 50.71 ? 123 HOH A O     1 
HETATM 306 O  O     . HOH D 3 . ? 4.312   13.669  6.745   1.00 63.96 ? 125 HOH A O     1 
HETATM 307 O  O     . HOH D 3 . ? -0.274  6.972   -1.982  1.00 54.01 ? 126 HOH A O     1 
HETATM 308 O  O     . HOH D 3 . ? 3.142   10.100  6.497   1.00 58.66 ? 127 HOH A O     1 
HETATM 309 O  O     . HOH D 3 . ? -5.246  11.586  13.206  1.00 42.20 ? 128 HOH A O     1 
HETATM 310 O  O     . HOH D 3 . ? -4.343  10.314  0.164   0.50 65.45 ? 129 HOH A O     1 
HETATM 311 O  O     . HOH D 3 . ? 11.759  6.390   11.628  1.00 62.89 ? 132 HOH A O     1 
HETATM 312 O  O     . HOH D 3 . ? -4.244  12.480  4.957   1.00 44.03 ? 136 HOH A O     1 
HETATM 313 O  O     . HOH D 3 . ? -11.402 10.635  5.364   1.00 49.02 ? 137 HOH A O     1 
HETATM 314 O  O     . HOH D 3 . ? 6.878   3.717   10.584  1.00 40.83 ? 138 HOH A O     1 
HETATM 315 O  O     . HOH D 3 . ? 4.523   12.071  9.371   0.50 30.78 ? 202 HOH A O     1 
HETATM 316 O  O     . HOH E 3 . ? -6.843  -9.153  -1.508  1.00 54.68 ? 103 HOH B O     1 
HETATM 317 O  O     . HOH E 3 . ? -4.899  0.502   7.473   1.00 30.51 ? 109 HOH B O     1 
HETATM 318 O  O     . HOH E 3 . ? -6.239  2.702   8.652   1.00 28.03 ? 110 HOH B O     1 
HETATM 319 O  O     . HOH E 3 . ? -5.895  -5.954  3.308   1.00 34.68 ? 111 HOH B O     1 
HETATM 320 O  O     . HOH E 3 . ? -7.639  -11.537 -7.437  1.00 39.42 ? 112 HOH B O     1 
HETATM 321 O  O     . HOH E 3 . ? -1.715  -11.951 -12.178 1.00 36.48 ? 113 HOH B O     1 
HETATM 322 O  O     . HOH E 3 . ? 3.124   -6.208  -7.660  1.00 50.25 ? 114 HOH B O     1 
HETATM 323 O  O     . HOH E 3 . ? -2.347  -4.278  -6.378  1.00 42.74 ? 115 HOH B O     1 
HETATM 324 O  O     . HOH E 3 . ? -8.329  2.254   7.248   1.00 47.58 ? 116 HOH B O     1 
HETATM 325 O  O     . HOH E 3 . ? -4.111  2.825   -2.476  1.00 58.04 ? 117 HOH B O     1 
HETATM 326 O  O     . HOH E 3 . ? -4.470  -0.166  -1.992  1.00 49.95 ? 118 HOH B O     1 
HETATM 327 O  O     . HOH E 3 . ? -3.071  -1.912  -4.821  1.00 50.33 ? 124 HOH B O     1 
HETATM 328 O  O     . HOH E 3 . ? 3.263   -9.875  -15.412 1.00 46.10 ? 130 HOH B O     1 
HETATM 329 O  O     . HOH E 3 . ? 4.314   -5.219  -16.801 1.00 56.89 ? 133 HOH B O     1 
HETATM 330 O  O     . HOH E 3 . ? -9.050  -5.082  -12.937 1.00 55.67 ? 134 HOH B O     1 
HETATM 331 O  O     . HOH E 3 . ? -3.308  -0.521  -15.099 1.00 61.53 ? 135 HOH B O     1 
HETATM 332 O  O     . HOH E 3 . ? -4.399  -13.115 -7.620  0.50 69.73 ? 201 HOH B O     1 
# 
